data_3Q8Y
#
_entry.id   3Q8Y
#
_cell.length_a   119.910
_cell.length_b   71.367
_cell.length_c   160.080
_cell.angle_alpha   90.00
_cell.angle_beta   108.04
_cell.angle_gamma   90.00
#
_symmetry.space_group_name_H-M   'C 1 2 1'
#
loop_
_entity.id
_entity.type
_entity.pdbx_description
1 polymer 'Nucleoside diphosphate kinase'
2 non-polymer "ADENOSINE-5'-DIPHOSPHATE"
3 non-polymer 'VANADATE ION'
4 non-polymer 'MAGNESIUM ION'
5 water water
#
_entity_poly.entity_id   1
_entity_poly.type   'polypeptide(L)'
_entity_poly.pdbx_seq_one_letter_code
;MERTFLMIKPDAVQRNLIGEVISRIERKGLKLVGGKLMQVPMELAETHYGEHQGKPFYNDLISFITSAPVFAMVVEGEDA
VNVSRHIIGSTNPSEASPGSIRGDLGLTVGRNIIHGSDSLESAEREINLWFNENEITSYASPRDAWLYELEHHHHHH
;
_entity_poly.pdbx_strand_id   A,B,C,D,E,F,G,H
#
# COMPACT_ATOMS: atom_id res chain seq x y z
N MET A 1 9.85 51.28 32.78
CA MET A 1 11.01 50.50 33.29
C MET A 1 11.68 49.73 32.16
N GLU A 2 13.02 49.70 32.16
CA GLU A 2 13.81 49.05 31.10
C GLU A 2 13.35 47.60 30.85
N ARG A 3 13.25 47.24 29.58
CA ARG A 3 12.80 45.92 29.16
C ARG A 3 13.83 45.27 28.26
N THR A 4 13.98 43.95 28.38
CA THR A 4 14.83 43.20 27.47
C THR A 4 14.17 41.96 26.94
N PHE A 5 14.71 41.40 25.87
CA PHE A 5 14.19 40.15 25.31
C PHE A 5 15.06 38.98 25.69
N LEU A 6 14.48 37.99 26.36
CA LEU A 6 15.17 36.75 26.71
C LEU A 6 14.54 35.59 25.99
N MET A 7 15.35 34.58 25.65
CA MET A 7 14.86 33.40 24.97
C MET A 7 15.50 32.11 25.52
N ILE A 8 14.66 31.21 26.04
CA ILE A 8 15.12 29.91 26.48
C ILE A 8 15.17 29.07 25.23
N LYS A 9 16.39 28.67 24.85
CA LYS A 9 16.65 28.04 23.58
C LYS A 9 16.21 26.58 23.59
N PRO A 10 16.12 25.94 22.40
CA PRO A 10 15.55 24.60 22.38
C PRO A 10 16.36 23.54 23.15
N ASP A 11 17.66 23.75 23.37
CA ASP A 11 18.44 22.81 24.21
C ASP A 11 17.87 22.79 25.63
N ALA A 12 17.72 23.96 26.24
CA ALA A 12 17.16 24.07 27.58
C ALA A 12 15.76 23.44 27.66
N VAL A 13 14.91 23.74 26.68
CA VAL A 13 13.58 23.12 26.57
C VAL A 13 13.65 21.58 26.51
N GLN A 14 14.49 21.05 25.62
CA GLN A 14 14.63 19.59 25.45
C GLN A 14 15.38 18.90 26.58
N ARG A 15 16.05 19.68 27.44
CA ARG A 15 16.69 19.15 28.66
C ARG A 15 15.79 19.40 29.88
N ASN A 16 14.59 19.92 29.63
CA ASN A 16 13.62 20.12 30.68
C ASN A 16 14.10 21.11 31.73
N LEU A 17 14.75 22.18 31.29
CA LEU A 17 15.30 23.20 32.19
C LEU A 17 14.51 24.52 32.20
N ILE A 18 13.29 24.53 31.68
CA ILE A 18 12.55 25.77 31.61
C ILE A 18 12.37 26.40 32.98
N GLY A 19 11.84 25.64 33.92
CA GLY A 19 11.62 26.12 35.28
C GLY A 19 12.89 26.59 35.95
N GLU A 20 13.95 25.79 35.86
CA GLU A 20 15.21 26.13 36.45
C GLU A 20 15.67 27.49 35.95
N VAL A 21 15.66 27.69 34.62
CA VAL A 21 16.11 28.96 34.02
C VAL A 21 15.23 30.15 34.43
N ILE A 22 13.90 29.94 34.42
CA ILE A 22 12.95 30.98 34.81
C ILE A 22 13.23 31.38 36.24
N SER A 23 13.45 30.38 37.11
CA SER A 23 13.74 30.66 38.53
C SER A 23 14.90 31.63 38.71
N ARG A 24 15.96 31.41 37.94
CA ARG A 24 17.16 32.22 38.08
C ARG A 24 16.89 33.66 37.69
N ILE A 25 16.03 33.85 36.69
CA ILE A 25 15.60 35.19 36.29
C ILE A 25 14.72 35.82 37.36
N GLU A 26 13.70 35.14 37.82
CA GLU A 26 12.83 35.66 38.88
C GLU A 26 13.61 36.06 40.13
N ARG A 27 14.46 35.17 40.65
CA ARG A 27 15.06 35.37 41.96
C ARG A 27 16.05 36.53 41.93
N LYS A 28 16.41 36.96 40.72
CA LYS A 28 17.32 38.09 40.53
C LYS A 28 16.58 39.41 40.69
N GLY A 29 15.27 39.35 40.73
CA GLY A 29 14.45 40.55 40.92
C GLY A 29 13.89 41.08 39.61
N LEU A 30 14.12 40.34 38.52
CA LEU A 30 13.60 40.75 37.21
C LEU A 30 12.15 40.34 37.08
N LYS A 31 11.36 41.15 36.38
CA LYS A 31 9.92 40.87 36.28
C LYS A 31 9.53 40.24 34.94
N LEU A 32 8.94 39.07 34.97
CA LEU A 32 8.41 38.47 33.76
C LEU A 32 7.15 39.21 33.30
N VAL A 33 7.25 39.84 32.15
CA VAL A 33 6.24 40.75 31.70
C VAL A 33 5.57 40.23 30.42
N GLY A 34 6.31 39.40 29.69
CA GLY A 34 5.79 38.67 28.56
C GLY A 34 6.52 37.34 28.42
N GLY A 35 5.79 36.31 28.02
CA GLY A 35 6.34 34.97 27.93
C GLY A 35 5.44 34.03 27.14
N LYS A 36 5.99 33.42 26.11
CA LYS A 36 5.25 32.40 25.39
C LYS A 36 6.14 31.22 24.91
N LEU A 37 5.63 30.01 25.09
CA LEU A 37 6.25 28.83 24.47
C LEU A 37 5.76 28.79 23.04
N MET A 38 6.69 28.74 22.10
CA MET A 38 6.37 28.85 20.68
C MET A 38 7.39 28.15 19.79
N GLN A 39 6.91 27.59 18.69
CA GLN A 39 7.80 27.07 17.66
C GLN A 39 8.28 28.26 16.84
N VAL A 40 9.55 28.29 16.48
CA VAL A 40 10.09 29.45 15.78
C VAL A 40 10.02 29.22 14.28
N PRO A 41 9.23 30.05 13.56
CA PRO A 41 9.19 29.91 12.11
C PRO A 41 10.50 30.37 11.48
N MET A 42 10.87 29.76 10.35
CA MET A 42 12.09 30.09 9.62
C MET A 42 12.28 31.61 9.43
N GLU A 43 11.27 32.33 8.92
CA GLU A 43 11.46 33.75 8.67
C GLU A 43 11.89 34.43 9.96
N LEU A 44 11.18 34.16 11.06
CA LEU A 44 11.53 34.79 12.35
C LEU A 44 12.93 34.43 12.81
N ALA A 45 13.33 33.18 12.64
CA ALA A 45 14.70 32.76 12.93
C ALA A 45 15.72 33.58 12.15
N GLU A 46 15.50 33.67 10.84
CA GLU A 46 16.43 34.33 9.95
C GLU A 46 16.50 35.83 10.14
N THR A 47 15.38 36.47 10.49
CA THR A 47 15.45 37.93 10.71
C THR A 47 16.03 38.27 12.09
N HIS A 48 15.84 37.37 13.04
CA HIS A 48 16.41 37.54 14.38
C HIS A 48 17.93 37.41 14.38
N TYR A 49 18.44 36.51 13.54
CA TYR A 49 19.86 36.21 13.49
C TYR A 49 20.48 36.70 12.19
N GLY A 50 19.84 37.69 11.58
CA GLY A 50 20.25 38.23 10.28
C GLY A 50 21.66 38.79 10.23
N GLU A 51 22.12 39.27 11.38
CA GLU A 51 23.45 39.84 11.52
C GLU A 51 24.57 38.81 11.39
N HIS A 52 24.20 37.53 11.28
CA HIS A 52 25.17 36.44 11.20
C HIS A 52 25.18 35.71 9.86
N GLN A 53 24.40 36.21 8.90
CA GLN A 53 24.16 35.54 7.61
C GLN A 53 25.35 34.91 6.89
N GLY A 54 26.52 35.49 7.02
CA GLY A 54 27.70 34.99 6.33
C GLY A 54 28.43 33.92 7.11
N LYS A 55 28.36 34.02 8.44
CA LYS A 55 29.17 33.21 9.35
C LYS A 55 29.15 31.70 9.11
N PRO A 56 30.23 31.00 9.55
CA PRO A 56 30.27 29.56 9.54
C PRO A 56 29.09 28.87 10.23
N PHE A 57 28.78 29.29 11.46
CA PHE A 57 27.71 28.65 12.26
C PHE A 57 26.27 29.01 11.86
N TYR A 58 26.09 29.92 10.91
CA TYR A 58 24.75 30.47 10.62
C TYR A 58 23.71 29.38 10.31
N ASN A 59 24.01 28.54 9.32
CA ASN A 59 23.08 27.46 8.94
C ASN A 59 22.74 26.54 10.09
N ASP A 60 23.75 26.20 10.88
CA ASP A 60 23.59 25.38 12.09
C ASP A 60 22.76 26.08 13.17
N LEU A 61 22.86 27.41 13.24
CA LEU A 61 22.10 28.22 14.18
C LEU A 61 20.60 28.24 13.83
N ILE A 62 20.28 28.49 12.57
CA ILE A 62 18.90 28.48 12.12
C ILE A 62 18.29 27.10 12.37
N SER A 63 19.01 26.05 11.97
CA SER A 63 18.59 24.67 12.19
C SER A 63 18.24 24.39 13.64
N PHE A 64 19.12 24.87 14.51
CA PHE A 64 18.98 24.59 15.91
C PHE A 64 17.80 25.32 16.51
N ILE A 65 17.67 26.61 16.26
CA ILE A 65 16.59 27.42 16.83
C ILE A 65 15.20 27.02 16.32
N THR A 66 15.15 26.35 15.19
CA THR A 66 13.87 25.90 14.66
C THR A 66 13.56 24.45 14.99
N SER A 67 14.51 23.75 15.61
CA SER A 67 14.37 22.31 15.79
C SER A 67 13.39 21.87 16.88
N ALA A 68 12.98 22.80 17.72
CA ALA A 68 12.03 22.55 18.79
C ALA A 68 11.61 23.90 19.43
N PRO A 69 10.55 23.88 20.26
CA PRO A 69 10.00 25.16 20.72
C PRO A 69 10.98 25.94 21.58
N VAL A 70 10.75 27.25 21.69
CA VAL A 70 11.54 28.08 22.60
C VAL A 70 10.58 28.69 23.60
N PHE A 71 11.12 29.31 24.64
CA PHE A 71 10.30 30.13 25.51
C PHE A 71 10.76 31.57 25.41
N ALA A 72 10.02 32.34 24.65
CA ALA A 72 10.35 33.74 24.44
C ALA A 72 9.78 34.59 25.59
N MET A 73 10.61 35.51 26.12
CA MET A 73 10.26 36.29 27.28
C MET A 73 10.57 37.78 27.12
N VAL A 74 9.74 38.63 27.70
CA VAL A 74 10.11 40.00 27.89
C VAL A 74 10.24 40.23 29.37
N VAL A 75 11.40 40.72 29.76
CA VAL A 75 11.76 40.86 31.15
C VAL A 75 11.97 42.33 31.50
N GLU A 76 11.42 42.76 32.64
CA GLU A 76 11.35 44.17 32.99
C GLU A 76 12.09 44.37 34.31
N GLY A 77 12.93 45.41 34.36
CA GLY A 77 13.66 45.77 35.57
C GLY A 77 14.65 46.89 35.31
N GLU A 78 15.14 47.51 36.39
CA GLU A 78 16.17 48.54 36.30
C GLU A 78 17.46 47.92 35.76
N ASP A 79 17.97 48.50 34.67
CA ASP A 79 19.18 48.00 33.98
C ASP A 79 18.98 46.55 33.44
N ALA A 80 17.72 46.12 33.27
CA ALA A 80 17.37 44.77 32.84
C ALA A 80 18.26 44.16 31.78
N VAL A 81 18.61 44.94 30.77
CA VAL A 81 19.46 44.44 29.69
C VAL A 81 20.81 43.91 30.20
N ASN A 82 21.53 44.74 30.96
CA ASN A 82 22.81 44.32 31.51
C ASN A 82 22.68 43.32 32.65
N VAL A 83 21.67 43.51 33.51
CA VAL A 83 21.41 42.58 34.60
C VAL A 83 21.21 41.17 34.05
N SER A 84 20.38 41.05 33.02
CA SER A 84 20.12 39.75 32.42
C SER A 84 21.37 39.15 31.83
N ARG A 85 22.13 39.95 31.09
CA ARG A 85 23.37 39.47 30.50
C ARG A 85 24.41 39.06 31.55
N HIS A 86 24.33 39.68 32.71
CA HIS A 86 25.19 39.37 33.83
C HIS A 86 24.89 37.98 34.42
N ILE A 87 23.62 37.66 34.61
CA ILE A 87 23.28 36.34 35.19
C ILE A 87 23.23 35.27 34.12
N ILE A 88 23.11 35.69 32.86
CA ILE A 88 23.21 34.72 31.75
C ILE A 88 24.64 34.20 31.57
N GLY A 89 25.62 35.13 31.59
CA GLY A 89 27.04 34.79 31.46
C GLY A 89 27.59 34.89 30.05
N SER A 90 28.92 34.85 29.92
CA SER A 90 29.59 34.86 28.61
C SER A 90 28.98 33.90 27.61
N THR A 91 29.12 34.23 26.33
CA THR A 91 28.59 33.44 25.24
C THR A 91 29.06 31.98 25.30
N ASN A 92 30.36 31.76 25.48
CA ASN A 92 30.90 30.42 25.63
C ASN A 92 30.76 29.95 27.08
N PRO A 93 29.97 28.88 27.31
CA PRO A 93 29.68 28.41 28.67
C PRO A 93 30.90 28.08 29.54
N SER A 94 32.06 27.90 28.92
CA SER A 94 33.25 27.58 29.69
C SER A 94 34.01 28.82 30.13
N GLU A 95 33.60 29.97 29.59
CA GLU A 95 34.12 31.26 29.99
C GLU A 95 33.12 32.00 30.87
N ALA A 96 31.87 31.56 30.81
CA ALA A 96 30.82 32.10 31.66
C ALA A 96 31.14 31.77 33.13
N SER A 97 30.84 32.70 34.03
CA SER A 97 31.16 32.47 35.43
C SER A 97 30.33 31.33 36.01
N PRO A 98 30.97 30.47 36.81
CA PRO A 98 30.14 29.54 37.56
C PRO A 98 29.05 30.33 38.25
N GLY A 99 27.85 29.77 38.35
CA GLY A 99 26.76 30.49 39.00
C GLY A 99 25.84 31.23 38.03
N SER A 100 26.38 31.57 36.85
CA SER A 100 25.56 32.10 35.77
C SER A 100 24.83 30.91 35.11
N ILE A 101 23.75 31.23 34.40
CA ILE A 101 22.97 30.24 33.69
C ILE A 101 23.81 29.44 32.68
N ARG A 102 24.64 30.11 31.89
CA ARG A 102 25.47 29.39 30.91
C ARG A 102 26.63 28.72 31.65
N GLY A 103 27.14 29.38 32.69
CA GLY A 103 28.22 28.82 33.50
C GLY A 103 27.88 27.48 34.14
N ASP A 104 26.63 27.35 34.60
CA ASP A 104 26.18 26.17 35.30
C ASP A 104 25.62 25.11 34.38
N LEU A 105 24.88 25.54 33.34
CA LEU A 105 24.01 24.63 32.56
C LEU A 105 24.45 24.35 31.13
N GLY A 106 25.24 25.23 30.54
CA GLY A 106 25.61 25.08 29.14
C GLY A 106 26.91 24.32 29.01
N LEU A 107 27.03 23.53 27.94
CA LEU A 107 28.30 22.87 27.66
C LEU A 107 29.11 23.54 26.54
N THR A 108 28.45 23.89 25.43
CA THR A 108 29.13 24.42 24.25
C THR A 108 28.51 25.73 23.80
N VAL A 109 29.29 26.53 23.07
CA VAL A 109 28.86 27.87 22.66
C VAL A 109 27.61 27.81 21.79
N GLY A 110 27.50 26.75 20.99
CA GLY A 110 26.37 26.58 20.09
C GLY A 110 25.08 26.19 20.79
N ARG A 111 25.21 25.43 21.87
CA ARG A 111 24.07 25.01 22.69
C ARG A 111 24.21 25.61 24.08
N ASN A 112 23.79 26.85 24.22
CA ASN A 112 24.10 27.58 25.42
C ASN A 112 22.90 28.15 26.14
N ILE A 113 21.79 27.42 26.06
CA ILE A 113 20.65 27.56 27.00
C ILE A 113 19.73 28.79 26.82
N ILE A 114 20.30 29.98 26.78
CA ILE A 114 19.45 31.16 26.80
C ILE A 114 20.02 32.30 25.94
N HIS A 115 19.13 33.13 25.42
CA HIS A 115 19.47 34.36 24.71
C HIS A 115 19.01 35.57 25.50
N GLY A 116 19.83 36.61 25.55
CA GLY A 116 19.39 37.93 26.00
C GLY A 116 19.86 38.99 25.04
N SER A 117 19.09 40.05 24.88
CA SER A 117 19.49 41.15 24.01
C SER A 117 20.81 41.67 24.51
N ASP A 118 21.69 42.12 23.60
CA ASP A 118 23.01 42.57 24.00
C ASP A 118 23.12 44.06 24.21
N SER A 119 22.08 44.80 23.82
CA SER A 119 22.08 46.26 23.99
C SER A 119 20.66 46.78 24.13
N LEU A 120 20.52 48.02 24.61
CA LEU A 120 19.23 48.70 24.62
C LEU A 120 18.57 48.69 23.23
N GLU A 121 19.37 48.90 22.19
CA GLU A 121 18.82 49.00 20.86
C GLU A 121 18.29 47.65 20.36
N SER A 122 19.10 46.59 20.46
CA SER A 122 18.63 45.25 20.05
C SER A 122 17.52 44.68 20.95
N ALA A 123 17.44 45.16 22.19
CA ALA A 123 16.29 44.88 23.08
C ALA A 123 15.00 45.33 22.44
N GLU A 124 14.88 46.63 22.20
CA GLU A 124 13.65 47.12 21.60
C GLU A 124 13.39 46.43 20.24
N ARG A 125 14.45 46.16 19.47
CA ARG A 125 14.31 45.50 18.17
C ARG A 125 13.71 44.09 18.30
N GLU A 126 14.35 43.28 19.15
CA GLU A 126 13.95 41.90 19.37
C GLU A 126 12.54 41.81 20.01
N ILE A 127 12.23 42.71 20.94
CA ILE A 127 10.92 42.71 21.58
C ILE A 127 9.84 42.93 20.55
N ASN A 128 10.01 43.92 19.67
CA ASN A 128 9.03 44.20 18.59
C ASN A 128 8.86 43.03 17.65
N LEU A 129 9.98 42.35 17.38
CA LEU A 129 10.02 41.22 16.48
C LEU A 129 9.23 40.03 16.98
N TRP A 130 9.38 39.71 18.27
CA TRP A 130 8.82 38.49 18.86
C TRP A 130 7.47 38.72 19.52
N PHE A 131 7.18 39.95 19.90
CA PHE A 131 5.99 40.25 20.71
C PHE A 131 5.20 41.46 20.18
N ASN A 132 3.87 41.37 20.28
CA ASN A 132 2.98 42.52 20.08
C ASN A 132 2.66 43.10 21.46
N GLU A 133 2.46 44.41 21.56
CA GLU A 133 2.12 45.11 22.79
C GLU A 133 1.02 44.38 23.55
N ASN A 134 0.09 43.76 22.91
CA ASN A 134 -1.04 43.11 23.59
C ASN A 134 -0.67 41.80 24.27
N GLU A 135 0.52 41.29 23.99
CA GLU A 135 1.06 40.08 24.60
C GLU A 135 2.00 40.40 25.75
N ILE A 136 2.27 41.69 25.94
CA ILE A 136 3.14 42.15 27.02
C ILE A 136 2.25 42.79 28.06
N THR A 137 2.28 42.22 29.25
CA THR A 137 1.45 42.70 30.34
C THR A 137 2.22 43.81 31.08
N SER A 138 1.52 44.51 31.96
CA SER A 138 2.12 45.57 32.72
C SER A 138 1.52 45.49 34.12
N TYR A 139 2.33 45.19 35.13
CA TYR A 139 1.80 45.09 36.48
C TYR A 139 2.77 45.50 37.55
N ALA A 140 2.21 45.97 38.65
CA ALA A 140 2.97 46.23 39.84
C ALA A 140 3.10 44.91 40.61
N SER A 141 4.26 44.68 41.19
CA SER A 141 4.49 43.50 42.03
C SER A 141 4.81 43.96 43.45
N PRO A 142 4.43 43.15 44.45
CA PRO A 142 4.65 43.42 45.89
C PRO A 142 6.10 43.71 46.25
N ARG A 143 7.03 43.04 45.59
CA ARG A 143 8.46 43.19 45.86
C ARG A 143 9.08 44.43 45.21
N ASP A 144 8.35 45.11 44.31
CA ASP A 144 8.88 46.28 43.61
C ASP A 144 9.44 47.36 44.57
N ALA A 145 8.71 47.60 45.66
CA ALA A 145 9.11 48.55 46.71
C ALA A 145 10.35 48.12 47.48
N TRP A 146 10.78 46.88 47.26
CA TRP A 146 11.89 46.33 48.02
C TRP A 146 13.12 46.03 47.15
N LEU A 147 12.95 46.14 45.83
CA LEU A 147 14.06 46.06 44.88
C LEU A 147 14.64 47.44 44.55
N TYR A 148 13.86 48.49 44.77
CA TYR A 148 14.20 49.85 44.34
C TYR A 148 13.99 50.88 45.41
N GLU A 149 14.79 51.95 45.38
CA GLU A 149 14.70 53.05 46.32
C GLU A 149 13.71 54.12 45.82
N MET B 1 20.47 5.80 -21.43
CA MET B 1 19.05 5.83 -20.95
C MET B 1 19.01 6.62 -19.65
N GLU B 2 17.93 7.39 -19.46
CA GLU B 2 17.79 8.27 -18.29
C GLU B 2 17.94 7.49 -16.99
N ARG B 3 18.67 8.08 -16.03
CA ARG B 3 18.94 7.49 -14.73
C ARG B 3 18.50 8.41 -13.59
N THR B 4 18.04 7.84 -12.49
CA THR B 4 17.74 8.64 -11.32
C THR B 4 18.25 7.98 -10.04
N PHE B 5 18.32 8.76 -8.97
CA PHE B 5 18.76 8.26 -7.68
C PHE B 5 17.56 8.05 -6.78
N LEU B 6 17.40 6.82 -6.29
CA LEU B 6 16.35 6.48 -5.34
C LEU B 6 16.97 6.02 -4.04
N MET B 7 16.25 6.22 -2.92
CA MET B 7 16.78 5.85 -1.61
C MET B 7 15.71 5.32 -0.70
N ILE B 8 15.85 4.05 -0.32
CA ILE B 8 14.93 3.45 0.61
C ILE B 8 15.40 3.95 1.99
N LYS B 9 14.55 4.70 2.69
CA LYS B 9 14.94 5.43 3.87
C LYS B 9 14.96 4.51 5.08
N PRO B 10 15.51 4.99 6.22
CA PRO B 10 15.68 4.02 7.32
C PRO B 10 14.37 3.54 7.91
N ASP B 11 13.28 4.26 7.72
CA ASP B 11 11.99 3.75 8.23
C ASP B 11 11.63 2.46 7.48
N ALA B 12 11.67 2.54 6.14
CA ALA B 12 11.37 1.38 5.31
C ALA B 12 12.19 0.17 5.75
N VAL B 13 13.51 0.38 5.86
CA VAL B 13 14.47 -0.63 6.30
C VAL B 13 14.05 -1.23 7.66
N GLN B 14 13.79 -0.37 8.64
CA GLN B 14 13.45 -0.83 10.00
C GLN B 14 12.06 -1.41 10.11
N ARG B 15 11.23 -1.19 9.10
CA ARG B 15 9.91 -1.85 9.06
C ARG B 15 9.98 -3.04 8.13
N ASN B 16 11.19 -3.31 7.59
CA ASN B 16 11.41 -4.53 6.82
C ASN B 16 10.69 -4.52 5.48
N LEU B 17 10.59 -3.34 4.89
CA LEU B 17 9.89 -3.16 3.65
C LEU B 17 10.82 -3.03 2.46
N ILE B 18 12.06 -3.48 2.55
CA ILE B 18 12.99 -3.32 1.40
C ILE B 18 12.48 -4.01 0.12
N GLY B 19 12.04 -5.26 0.26
CA GLY B 19 11.61 -6.09 -0.85
C GLY B 19 10.37 -5.52 -1.46
N GLU B 20 9.41 -5.25 -0.61
CA GLU B 20 8.18 -4.62 -1.05
C GLU B 20 8.47 -3.37 -1.89
N VAL B 21 9.33 -2.48 -1.41
CA VAL B 21 9.58 -1.25 -2.15
C VAL B 21 10.31 -1.52 -3.46
N ILE B 22 11.35 -2.33 -3.43
CA ILE B 22 12.06 -2.72 -4.67
C ILE B 22 11.07 -3.32 -5.67
N SER B 23 10.21 -4.23 -5.21
CA SER B 23 9.19 -4.82 -6.11
C SER B 23 8.41 -3.79 -6.91
N ARG B 24 7.97 -2.74 -6.21
CA ARG B 24 7.16 -1.72 -6.86
C ARG B 24 7.94 -0.99 -7.96
N ILE B 25 9.21 -0.79 -7.72
CA ILE B 25 10.09 -0.21 -8.73
C ILE B 25 10.26 -1.16 -9.91
N GLU B 26 10.64 -2.40 -9.64
CA GLU B 26 10.91 -3.36 -10.70
C GLU B 26 9.70 -3.54 -11.60
N ARG B 27 8.51 -3.75 -10.97
CA ARG B 27 7.33 -4.11 -11.72
C ARG B 27 6.89 -2.94 -12.62
N LYS B 28 7.35 -1.75 -12.32
CA LYS B 28 7.05 -0.58 -13.14
C LYS B 28 7.84 -0.55 -14.44
N GLY B 29 8.82 -1.44 -14.56
CA GLY B 29 9.61 -1.50 -15.76
C GLY B 29 10.94 -0.77 -15.63
N LEU B 30 11.23 -0.26 -14.43
CA LEU B 30 12.47 0.46 -14.21
C LEU B 30 13.58 -0.54 -13.96
N LYS B 31 14.78 -0.25 -14.42
CA LYS B 31 15.88 -1.18 -14.25
C LYS B 31 16.83 -0.79 -13.11
N LEU B 32 17.01 -1.70 -12.17
CA LEU B 32 18.00 -1.51 -11.11
C LEU B 32 19.41 -1.66 -11.67
N VAL B 33 20.17 -0.59 -11.56
CA VAL B 33 21.43 -0.47 -12.25
C VAL B 33 22.58 -0.24 -11.24
N GLY B 34 22.17 0.26 -10.06
CA GLY B 34 23.04 0.39 -8.92
C GLY B 34 22.24 0.24 -7.65
N GLY B 35 22.82 -0.41 -6.65
CA GLY B 35 22.12 -0.56 -5.36
C GLY B 35 23.07 -1.07 -4.31
N LYS B 36 23.14 -0.34 -3.20
CA LYS B 36 23.87 -0.78 -2.01
C LYS B 36 23.18 -0.43 -0.68
N LEU B 37 23.14 -1.41 0.23
CA LEU B 37 22.74 -1.17 1.61
C LEU B 37 23.94 -0.55 2.31
N MET B 38 23.74 0.64 2.89
CA MET B 38 24.84 1.39 3.48
C MET B 38 24.39 2.28 4.64
N GLN B 39 25.26 2.44 5.64
CA GLN B 39 25.04 3.40 6.70
C GLN B 39 25.43 4.72 6.11
N VAL B 40 24.65 5.75 6.35
CA VAL B 40 24.95 7.08 5.79
C VAL B 40 25.81 7.91 6.74
N PRO B 41 27.04 8.26 6.31
CA PRO B 41 27.87 9.15 7.14
C PRO B 41 27.30 10.57 7.20
N MET B 42 27.49 11.20 8.35
CA MET B 42 27.06 12.58 8.57
C MET B 42 27.38 13.51 7.38
N GLU B 43 28.62 13.55 6.91
CA GLU B 43 28.93 14.50 5.84
C GLU B 43 28.15 14.20 4.55
N LEU B 44 27.90 12.92 4.25
CA LEU B 44 27.07 12.61 3.08
C LEU B 44 25.62 12.99 3.32
N ALA B 45 25.14 12.79 4.53
CA ALA B 45 23.77 13.22 4.88
C ALA B 45 23.60 14.70 4.69
N GLU B 46 24.55 15.48 5.21
CA GLU B 46 24.47 16.94 5.19
C GLU B 46 24.69 17.55 3.80
N THR B 47 25.52 16.94 2.95
CA THR B 47 25.70 17.50 1.61
C THR B 47 24.53 17.10 0.71
N HIS B 48 23.90 15.97 1.00
CA HIS B 48 22.71 15.50 0.26
C HIS B 48 21.47 16.34 0.54
N TYR B 49 21.33 16.78 1.79
CA TYR B 49 20.19 17.61 2.23
C TYR B 49 20.61 19.06 2.52
N GLY B 50 21.71 19.50 1.90
CA GLY B 50 22.25 20.86 2.12
C GLY B 50 21.29 21.99 1.80
N GLU B 51 20.41 21.77 0.83
CA GLU B 51 19.40 22.74 0.42
C GLU B 51 18.34 23.03 1.50
N HIS B 52 18.42 22.32 2.62
CA HIS B 52 17.45 22.46 3.71
C HIS B 52 18.07 22.98 5.00
N GLN B 53 19.35 23.37 4.96
CA GLN B 53 20.12 23.74 6.15
C GLN B 53 19.43 24.65 7.17
N GLY B 54 18.59 25.57 6.72
CA GLY B 54 17.94 26.47 7.65
C GLY B 54 16.71 25.86 8.31
N LYS B 55 16.08 24.94 7.59
CA LYS B 55 14.69 24.54 7.85
C LYS B 55 14.39 23.89 9.19
N PRO B 56 13.19 24.17 9.75
CA PRO B 56 12.78 23.56 11.00
C PRO B 56 13.12 22.06 11.11
N PHE B 57 12.77 21.28 10.11
CA PHE B 57 13.03 19.84 10.15
C PHE B 57 14.46 19.38 9.88
N TYR B 58 15.38 20.28 9.55
CA TYR B 58 16.72 19.88 9.11
C TYR B 58 17.44 18.93 10.08
N ASN B 59 17.59 19.35 11.34
CA ASN B 59 18.32 18.56 12.32
C ASN B 59 17.68 17.18 12.51
N ASP B 60 16.35 17.16 12.54
CA ASP B 60 15.59 15.92 12.65
C ASP B 60 15.77 15.04 11.42
N LEU B 61 15.90 15.65 10.24
CA LEU B 61 16.16 14.95 8.98
C LEU B 61 17.53 14.28 8.97
N ILE B 62 18.57 14.99 9.41
CA ILE B 62 19.93 14.45 9.46
C ILE B 62 19.97 13.32 10.47
N SER B 63 19.37 13.55 11.63
CA SER B 63 19.29 12.51 12.63
C SER B 63 18.72 11.22 12.08
N PHE B 64 17.58 11.37 11.40
CA PHE B 64 16.80 10.24 10.88
C PHE B 64 17.56 9.48 9.81
N ILE B 65 18.11 10.18 8.83
CA ILE B 65 18.78 9.52 7.74
C ILE B 65 20.08 8.83 8.17
N THR B 66 20.62 9.20 9.32
CA THR B 66 21.82 8.56 9.85
C THR B 66 21.54 7.48 10.90
N SER B 67 20.26 7.32 11.26
CA SER B 67 19.90 6.53 12.42
C SER B 67 19.93 5.02 12.18
N ALA B 68 19.99 4.62 10.91
CA ALA B 68 20.03 3.19 10.50
C ALA B 68 20.31 3.14 8.99
N PRO B 69 20.72 1.97 8.46
CA PRO B 69 21.16 1.90 7.06
C PRO B 69 20.07 2.29 6.07
N VAL B 70 20.46 2.68 4.85
CA VAL B 70 19.49 2.98 3.79
C VAL B 70 19.83 2.06 2.66
N PHE B 71 18.95 2.01 1.67
CA PHE B 71 19.25 1.26 0.45
C PHE B 71 19.29 2.22 -0.72
N ALA B 72 20.50 2.61 -1.13
CA ALA B 72 20.66 3.60 -2.17
C ALA B 72 20.66 2.92 -3.52
N MET B 73 19.90 3.47 -4.47
CA MET B 73 19.75 2.86 -5.79
C MET B 73 20.01 3.86 -6.92
N VAL B 74 20.44 3.33 -8.05
CA VAL B 74 20.39 4.05 -9.30
C VAL B 74 19.50 3.26 -10.23
N VAL B 75 18.53 3.93 -10.80
CA VAL B 75 17.44 3.29 -11.51
C VAL B 75 17.44 3.85 -12.93
N GLU B 76 17.29 2.97 -13.92
CA GLU B 76 17.46 3.34 -15.32
C GLU B 76 16.18 3.08 -16.07
N GLY B 77 15.76 4.01 -16.93
CA GLY B 77 14.58 3.85 -17.73
C GLY B 77 14.20 5.13 -18.45
N GLU B 78 13.33 5.01 -19.44
CA GLU B 78 12.82 6.16 -20.14
C GLU B 78 11.99 7.01 -19.19
N ASP B 79 12.36 8.28 -19.10
CA ASP B 79 11.70 9.24 -18.23
C ASP B 79 11.81 8.81 -16.76
N ALA B 80 12.84 8.04 -16.43
CA ALA B 80 13.00 7.43 -15.11
C ALA B 80 12.75 8.39 -13.95
N VAL B 81 13.29 9.60 -14.03
CA VAL B 81 13.11 10.62 -12.99
C VAL B 81 11.63 10.84 -12.66
N ASN B 82 10.82 11.18 -13.68
CA ASN B 82 9.41 11.43 -13.48
C ASN B 82 8.59 10.17 -13.20
N VAL B 83 8.91 9.07 -13.88
CA VAL B 83 8.29 7.79 -13.62
C VAL B 83 8.45 7.38 -12.14
N SER B 84 9.67 7.46 -11.63
CA SER B 84 9.94 7.14 -10.26
C SER B 84 9.12 8.03 -9.34
N ARG B 85 9.23 9.34 -9.52
CA ARG B 85 8.47 10.24 -8.67
C ARG B 85 6.98 9.99 -8.74
N HIS B 86 6.49 9.51 -9.88
CA HIS B 86 5.08 9.17 -10.10
C HIS B 86 4.63 8.03 -9.17
N ILE B 87 5.34 6.91 -9.17
CA ILE B 87 4.99 5.77 -8.35
C ILE B 87 5.37 5.98 -6.88
N ILE B 88 6.28 6.91 -6.61
CA ILE B 88 6.66 7.23 -5.23
C ILE B 88 5.57 8.05 -4.55
N GLY B 89 4.99 9.00 -5.26
CA GLY B 89 3.88 9.80 -4.73
C GLY B 89 4.33 11.09 -4.08
N SER B 90 3.36 11.97 -3.79
CA SER B 90 3.58 13.25 -3.13
C SER B 90 4.40 13.10 -1.86
N THR B 91 5.13 14.15 -1.52
CA THR B 91 5.99 14.18 -0.35
C THR B 91 5.26 13.78 0.94
N ASN B 92 4.09 14.36 1.19
CA ASN B 92 3.24 13.94 2.31
C ASN B 92 2.43 12.67 1.95
N PRO B 93 2.68 11.57 2.67
CA PRO B 93 1.96 10.32 2.39
C PRO B 93 0.44 10.40 2.36
N SER B 94 -0.16 11.44 2.93
CA SER B 94 -1.62 11.51 2.99
C SER B 94 -2.17 12.32 1.83
N GLU B 95 -1.26 12.90 1.05
CA GLU B 95 -1.62 13.52 -0.21
C GLU B 95 -1.16 12.65 -1.38
N ALA B 96 -0.28 11.69 -1.10
CA ALA B 96 0.18 10.72 -2.11
C ALA B 96 -0.97 9.80 -2.51
N SER B 97 -1.03 9.46 -3.79
CA SER B 97 -2.14 8.71 -4.31
C SER B 97 -2.12 7.33 -3.73
N PRO B 98 -3.29 6.81 -3.30
CA PRO B 98 -3.26 5.38 -2.92
C PRO B 98 -2.67 4.64 -4.08
N GLY B 99 -1.91 3.58 -3.79
CA GLY B 99 -1.26 2.80 -4.83
C GLY B 99 0.15 3.25 -5.03
N SER B 100 0.47 4.48 -4.67
CA SER B 100 1.88 4.90 -4.68
C SER B 100 2.62 4.34 -3.45
N ILE B 101 3.94 4.33 -3.50
CA ILE B 101 4.72 3.82 -2.40
C ILE B 101 4.45 4.61 -1.11
N ARG B 102 4.45 5.95 -1.20
CA ARG B 102 4.18 6.79 -0.03
C ARG B 102 2.69 6.71 0.32
N GLY B 103 1.83 6.66 -0.68
CA GLY B 103 0.39 6.54 -0.45
C GLY B 103 0.03 5.34 0.39
N ASP B 104 0.66 4.19 0.09
CA ASP B 104 0.33 2.91 0.72
C ASP B 104 1.09 2.65 2.00
N LEU B 105 2.36 3.06 2.06
CA LEU B 105 3.26 2.64 3.14
C LEU B 105 3.72 3.74 4.11
N GLY B 106 3.70 5.00 3.72
CA GLY B 106 4.18 6.04 4.61
C GLY B 106 3.05 6.60 5.45
N LEU B 107 3.35 7.00 6.69
CA LEU B 107 2.33 7.66 7.53
C LEU B 107 2.47 9.18 7.61
N THR B 108 3.69 9.66 7.77
CA THR B 108 3.96 11.07 7.98
C THR B 108 5.04 11.56 7.01
N VAL B 109 5.04 12.87 6.76
CA VAL B 109 5.92 13.48 5.78
C VAL B 109 7.37 13.28 6.14
N GLY B 110 7.66 13.23 7.44
CA GLY B 110 9.02 13.01 7.92
C GLY B 110 9.52 11.57 7.81
N ARG B 111 8.62 10.59 7.91
CA ARG B 111 8.99 9.19 7.74
C ARG B 111 8.20 8.66 6.56
N ASN B 112 8.73 8.89 5.36
CA ASN B 112 7.95 8.66 4.18
C ASN B 112 8.63 7.71 3.18
N ILE B 113 9.34 6.72 3.73
CA ILE B 113 9.73 5.51 3.00
C ILE B 113 10.85 5.62 1.99
N ILE B 114 10.76 6.55 1.05
CA ILE B 114 11.67 6.53 -0.09
C ILE B 114 12.01 7.94 -0.55
N HIS B 115 13.17 8.12 -1.19
CA HIS B 115 13.53 9.36 -1.82
C HIS B 115 13.76 9.10 -3.30
N GLY B 116 13.37 10.06 -4.15
CA GLY B 116 13.74 10.05 -5.57
C GLY B 116 14.17 11.43 -5.99
N SER B 117 15.15 11.52 -6.88
CA SER B 117 15.60 12.82 -7.35
C SER B 117 14.41 13.58 -7.89
N ASP B 118 14.37 14.90 -7.72
CA ASP B 118 13.21 15.67 -8.17
C ASP B 118 13.34 16.29 -9.56
N SER B 119 14.53 16.21 -10.12
CA SER B 119 14.78 16.75 -11.47
C SER B 119 15.94 16.01 -12.15
N LEU B 120 16.05 16.17 -13.46
CA LEU B 120 17.23 15.71 -14.18
C LEU B 120 18.51 16.27 -13.57
N GLU B 121 18.50 17.56 -13.22
CA GLU B 121 19.68 18.17 -12.60
C GLU B 121 20.10 17.42 -11.35
N SER B 122 19.20 17.33 -10.35
CA SER B 122 19.51 16.70 -9.06
C SER B 122 19.73 15.18 -9.14
N ALA B 123 19.21 14.56 -10.19
CA ALA B 123 19.55 13.18 -10.49
C ALA B 123 21.05 12.95 -10.64
N GLU B 124 21.69 13.66 -11.57
CA GLU B 124 23.11 13.44 -11.85
C GLU B 124 23.94 13.91 -10.67
N ARG B 125 23.47 14.94 -9.97
CA ARG B 125 24.12 15.41 -8.75
C ARG B 125 24.16 14.32 -7.69
N GLU B 126 22.98 13.78 -7.34
CA GLU B 126 22.83 12.76 -6.30
C GLU B 126 23.51 11.44 -6.66
N ILE B 127 23.37 11.02 -7.92
CA ILE B 127 24.05 9.82 -8.40
C ILE B 127 25.55 9.93 -8.18
N ASN B 128 26.15 11.05 -8.61
CA ASN B 128 27.61 11.25 -8.42
C ASN B 128 28.00 11.20 -6.96
N LEU B 129 27.14 11.79 -6.12
CA LEU B 129 27.35 11.90 -4.69
C LEU B 129 27.38 10.54 -3.98
N TRP B 130 26.45 9.66 -4.33
CA TRP B 130 26.26 8.41 -3.62
C TRP B 130 26.97 7.23 -4.29
N PHE B 131 27.24 7.35 -5.59
CA PHE B 131 27.81 6.25 -6.36
C PHE B 131 29.03 6.64 -7.19
N ASN B 132 29.98 5.73 -7.31
CA ASN B 132 31.06 5.81 -8.32
C ASN B 132 30.68 5.00 -9.56
N GLU B 133 31.08 5.41 -10.75
CA GLU B 133 30.82 4.72 -12.01
C GLU B 133 31.04 3.22 -11.87
N ASN B 134 32.02 2.77 -11.15
CA ASN B 134 32.36 1.35 -11.02
C ASN B 134 31.36 0.56 -10.16
N GLU B 135 30.46 1.26 -9.47
CA GLU B 135 29.39 0.63 -8.70
C GLU B 135 28.09 0.57 -9.49
N ILE B 136 28.09 1.20 -10.66
CA ILE B 136 26.88 1.26 -11.47
C ILE B 136 27.11 0.34 -12.64
N THR B 137 26.26 -0.66 -12.74
CA THR B 137 26.36 -1.65 -13.79
C THR B 137 25.61 -1.17 -15.02
N SER B 138 25.73 -1.90 -16.10
CA SER B 138 25.13 -1.50 -17.35
C SER B 138 24.80 -2.78 -18.11
N TYR B 139 23.51 -3.07 -18.28
CA TYR B 139 23.13 -4.33 -18.87
C TYR B 139 21.84 -4.26 -19.65
N ALA B 140 21.77 -5.11 -20.67
CA ALA B 140 20.54 -5.31 -21.40
C ALA B 140 19.68 -6.27 -20.58
N SER B 141 18.37 -6.04 -20.57
CA SER B 141 17.43 -6.99 -19.97
C SER B 141 16.50 -7.54 -21.05
N PRO B 142 16.00 -8.77 -20.85
CA PRO B 142 15.07 -9.42 -21.76
C PRO B 142 13.79 -8.62 -22.02
N ARG B 143 13.30 -7.93 -20.99
CA ARG B 143 12.07 -7.17 -21.12
C ARG B 143 12.24 -5.81 -21.84
N ASP B 144 13.48 -5.34 -21.99
CA ASP B 144 13.77 -4.05 -22.65
C ASP B 144 13.04 -3.86 -23.99
N ALA B 145 12.99 -4.94 -24.80
CA ALA B 145 12.34 -4.93 -26.11
C ALA B 145 10.81 -4.86 -26.02
N TRP B 146 10.27 -4.94 -24.80
CA TRP B 146 8.81 -5.01 -24.57
C TRP B 146 8.30 -3.87 -23.70
N LEU B 147 9.23 -3.05 -23.22
CA LEU B 147 8.92 -1.80 -22.52
C LEU B 147 8.97 -0.60 -23.47
N TYR B 148 9.69 -0.76 -24.59
CA TYR B 148 10.00 0.33 -25.51
C TYR B 148 9.77 -0.03 -26.97
N GLU B 149 9.39 0.98 -27.78
CA GLU B 149 9.20 0.86 -29.21
C GLU B 149 10.50 1.09 -29.97
N MET C 1 -26.27 -8.22 -18.27
CA MET C 1 -25.29 -7.38 -17.51
C MET C 1 -24.25 -6.83 -18.47
N GLU C 2 -23.89 -5.55 -18.27
CA GLU C 2 -22.91 -4.85 -19.15
C GLU C 2 -21.62 -5.65 -19.37
N ARG C 3 -21.16 -5.69 -20.62
CA ARG C 3 -19.98 -6.42 -21.02
C ARG C 3 -19.01 -5.50 -21.73
N THR C 4 -17.72 -5.68 -21.46
CA THR C 4 -16.67 -5.01 -22.22
C THR C 4 -15.57 -5.93 -22.75
N PHE C 5 -14.81 -5.44 -23.70
CA PHE C 5 -13.69 -6.19 -24.24
C PHE C 5 -12.40 -5.66 -23.67
N LEU C 6 -11.65 -6.57 -23.06
CA LEU C 6 -10.30 -6.31 -22.53
C LEU C 6 -9.25 -7.13 -23.26
N MET C 7 -8.04 -6.59 -23.37
CA MET C 7 -7.01 -7.31 -24.10
C MET C 7 -5.65 -7.10 -23.44
N ILE C 8 -5.10 -8.17 -22.87
CA ILE C 8 -3.74 -8.15 -22.29
C ILE C 8 -2.77 -8.16 -23.48
N LYS C 9 -2.05 -7.06 -23.66
CA LYS C 9 -1.24 -6.84 -24.86
C LYS C 9 0.07 -7.63 -24.82
N PRO C 10 0.77 -7.75 -25.98
CA PRO C 10 1.92 -8.64 -26.01
C PRO C 10 3.10 -8.28 -25.07
N ASP C 11 3.20 -7.01 -24.64
CA ASP C 11 4.18 -6.65 -23.62
C ASP C 11 3.93 -7.38 -22.28
N ALA C 12 2.70 -7.31 -21.79
CA ALA C 12 2.30 -7.96 -20.53
C ALA C 12 2.55 -9.44 -20.63
N VAL C 13 2.11 -10.06 -21.74
CA VAL C 13 2.38 -11.48 -22.03
C VAL C 13 3.89 -11.81 -21.96
N GLN C 14 4.71 -11.05 -22.69
CA GLN C 14 6.16 -11.32 -22.72
C GLN C 14 6.90 -10.93 -21.45
N ARG C 15 6.26 -10.11 -20.60
CA ARG C 15 6.78 -9.82 -19.26
C ARG C 15 6.19 -10.75 -18.21
N ASN C 16 5.35 -11.69 -18.64
CA ASN C 16 4.84 -12.75 -17.78
C ASN C 16 3.90 -12.20 -16.75
N LEU C 17 3.12 -11.21 -17.13
CA LEU C 17 2.22 -10.51 -16.22
C LEU C 17 0.74 -10.91 -16.35
N ILE C 18 0.46 -12.00 -17.05
CA ILE C 18 -0.94 -12.35 -17.34
C ILE C 18 -1.73 -12.52 -16.04
N GLY C 19 -1.19 -13.32 -15.13
CA GLY C 19 -1.85 -13.61 -13.85
C GLY C 19 -2.09 -12.33 -13.08
N GLU C 20 -1.03 -11.54 -12.91
CA GLU C 20 -1.09 -10.29 -12.20
C GLU C 20 -2.22 -9.41 -12.74
N VAL C 21 -2.32 -9.27 -14.08
CA VAL C 21 -3.33 -8.40 -14.64
C VAL C 21 -4.70 -9.01 -14.45
N ILE C 22 -4.84 -10.30 -14.71
CA ILE C 22 -6.13 -10.97 -14.47
C ILE C 22 -6.56 -10.75 -13.03
N SER C 23 -5.66 -10.98 -12.08
CA SER C 23 -6.01 -10.77 -10.65
C SER C 23 -6.64 -9.40 -10.34
N ARG C 24 -6.14 -8.37 -11.00
CA ARG C 24 -6.59 -7.01 -10.78
C ARG C 24 -8.00 -6.85 -11.27
N ILE C 25 -8.31 -7.49 -12.39
CA ILE C 25 -9.66 -7.47 -12.92
C ILE C 25 -10.59 -8.26 -11.98
N GLU C 26 -10.22 -9.49 -11.62
CA GLU C 26 -11.04 -10.31 -10.75
C GLU C 26 -11.37 -9.64 -9.43
N ARG C 27 -10.36 -9.15 -8.73
CA ARG C 27 -10.53 -8.64 -7.38
C ARG C 27 -11.37 -7.39 -7.38
N LYS C 28 -11.56 -6.79 -8.55
CA LYS C 28 -12.38 -5.59 -8.64
C LYS C 28 -13.87 -5.93 -8.64
N GLY C 29 -14.18 -7.20 -8.81
CA GLY C 29 -15.56 -7.67 -8.85
C GLY C 29 -16.07 -7.92 -10.25
N LEU C 30 -15.23 -7.70 -11.25
CA LEU C 30 -15.64 -7.99 -12.62
C LEU C 30 -15.61 -9.48 -12.90
N LYS C 31 -16.47 -9.94 -13.80
CA LYS C 31 -16.56 -11.38 -14.08
C LYS C 31 -15.96 -11.79 -15.42
N LEU C 32 -15.00 -12.70 -15.40
CA LEU C 32 -14.42 -13.20 -16.65
C LEU C 32 -15.41 -14.14 -17.33
N VAL C 33 -15.83 -13.77 -18.52
CA VAL C 33 -16.97 -14.41 -19.14
C VAL C 33 -16.54 -14.98 -20.50
N GLY C 34 -15.41 -14.46 -21.00
CA GLY C 34 -14.76 -14.95 -22.20
C GLY C 34 -13.27 -14.63 -22.09
N GLY C 35 -12.43 -15.55 -22.54
CA GLY C 35 -10.99 -15.34 -22.50
C GLY C 35 -10.24 -16.39 -23.27
N LYS C 36 -9.38 -15.95 -24.18
CA LYS C 36 -8.53 -16.86 -24.93
C LYS C 36 -7.14 -16.25 -25.19
N LEU C 37 -6.11 -17.05 -24.99
CA LEU C 37 -4.78 -16.71 -25.47
C LEU C 37 -4.71 -17.04 -26.97
N MET C 38 -4.34 -16.05 -27.77
CA MET C 38 -4.38 -16.15 -29.23
C MET C 38 -3.32 -15.26 -29.90
N GLN C 39 -2.80 -15.75 -31.03
CA GLN C 39 -1.98 -14.92 -31.89
C GLN C 39 -2.91 -14.06 -32.74
N VAL C 40 -2.63 -12.76 -32.83
CA VAL C 40 -3.50 -11.87 -33.59
C VAL C 40 -3.13 -11.87 -35.07
N PRO C 41 -4.05 -12.31 -35.95
CA PRO C 41 -3.81 -12.18 -37.40
C PRO C 41 -3.88 -10.73 -37.85
N MET C 42 -3.02 -10.38 -38.82
CA MET C 42 -2.96 -9.04 -39.42
C MET C 42 -4.33 -8.46 -39.72
N GLU C 43 -5.16 -9.28 -40.38
CA GLU C 43 -6.53 -8.89 -40.65
C GLU C 43 -7.17 -8.22 -39.43
N LEU C 44 -7.25 -9.03 -38.36
CA LEU C 44 -7.94 -8.64 -37.14
C LEU C 44 -7.29 -7.43 -36.49
N ALA C 45 -5.96 -7.37 -36.54
CA ALA C 45 -5.23 -6.23 -35.99
C ALA C 45 -5.69 -4.95 -36.69
N GLU C 46 -5.68 -4.98 -38.00
CA GLU C 46 -5.99 -3.80 -38.80
C GLU C 46 -7.45 -3.33 -38.73
N THR C 47 -8.40 -4.26 -38.59
CA THR C 47 -9.79 -3.83 -38.44
C THR C 47 -10.08 -3.33 -37.02
N HIS C 48 -9.34 -3.87 -36.04
CA HIS C 48 -9.47 -3.46 -34.63
C HIS C 48 -8.95 -2.04 -34.45
N TYR C 49 -7.84 -1.74 -35.11
CA TYR C 49 -7.18 -0.45 -34.97
C TYR C 49 -7.37 0.42 -36.22
N GLY C 50 -8.46 0.18 -36.95
CA GLY C 50 -8.78 0.89 -38.21
C GLY C 50 -8.94 2.37 -38.04
N GLU C 51 -9.45 2.81 -36.89
CA GLU C 51 -9.66 4.22 -36.60
C GLU C 51 -8.36 5.04 -36.53
N HIS C 52 -7.22 4.36 -36.59
CA HIS C 52 -5.90 4.99 -36.44
C HIS C 52 -5.06 4.96 -37.71
N GLN C 53 -5.64 4.45 -38.81
CA GLN C 53 -4.92 4.20 -40.07
C GLN C 53 -3.93 5.27 -40.56
N GLY C 54 -4.23 6.53 -40.34
CA GLY C 54 -3.36 7.60 -40.84
C GLY C 54 -2.22 7.95 -39.91
N LYS C 55 -2.49 7.88 -38.60
CA LYS C 55 -1.61 8.45 -37.60
C LYS C 55 -0.19 7.85 -37.63
N PRO C 56 0.79 8.59 -37.05
CA PRO C 56 2.20 8.22 -36.95
C PRO C 56 2.48 6.82 -36.38
N PHE C 57 1.86 6.48 -35.25
CA PHE C 57 2.13 5.22 -34.55
C PHE C 57 1.47 3.97 -35.15
N TYR C 58 0.63 4.14 -36.18
CA TYR C 58 -0.17 3.03 -36.69
C TYR C 58 0.62 1.78 -37.08
N ASN C 59 1.58 1.92 -37.99
CA ASN C 59 2.43 0.78 -38.41
C ASN C 59 3.14 0.07 -37.26
N ASP C 60 3.64 0.85 -36.31
CA ASP C 60 4.25 0.33 -35.10
C ASP C 60 3.24 -0.39 -34.22
N LEU C 61 2.00 0.10 -34.22
CA LEU C 61 0.89 -0.49 -33.44
C LEU C 61 0.54 -1.88 -33.96
N ILE C 62 0.43 -1.99 -35.28
CA ILE C 62 0.10 -3.25 -35.95
C ILE C 62 1.22 -4.27 -35.74
N SER C 63 2.45 -3.81 -35.94
CA SER C 63 3.62 -4.63 -35.67
C SER C 63 3.61 -5.21 -34.27
N PHE C 64 3.37 -4.34 -33.29
CA PHE C 64 3.45 -4.71 -31.89
C PHE C 64 2.36 -5.73 -31.52
N ILE C 65 1.11 -5.47 -31.93
CA ILE C 65 -0.01 -6.31 -31.51
C ILE C 65 0.04 -7.69 -32.18
N THR C 66 0.82 -7.80 -33.24
CA THR C 66 0.95 -9.06 -33.96
C THR C 66 2.25 -9.77 -33.58
N SER C 67 3.09 -9.14 -32.73
CA SER C 67 4.45 -9.62 -32.48
C SER C 67 4.54 -10.81 -31.51
N ALA C 68 3.47 -11.07 -30.77
CA ALA C 68 3.38 -12.19 -29.84
C ALA C 68 1.94 -12.29 -29.34
N PRO C 69 1.54 -13.44 -28.73
CA PRO C 69 0.12 -13.67 -28.41
C PRO C 69 -0.49 -12.62 -27.49
N VAL C 70 -1.82 -12.51 -27.49
CA VAL C 70 -2.50 -11.62 -26.56
C VAL C 70 -3.47 -12.45 -25.78
N PHE C 71 -3.99 -11.89 -24.69
CA PHE C 71 -5.06 -12.57 -23.96
C PHE C 71 -6.29 -11.71 -24.09
N ALA C 72 -7.19 -12.13 -24.98
CA ALA C 72 -8.42 -11.40 -25.23
C ALA C 72 -9.52 -11.86 -24.25
N MET C 73 -10.24 -10.88 -23.69
CA MET C 73 -11.19 -11.15 -22.64
C MET C 73 -12.54 -10.47 -22.87
N VAL C 74 -13.61 -11.13 -22.44
CA VAL C 74 -14.86 -10.45 -22.26
C VAL C 74 -15.16 -10.47 -20.77
N VAL C 75 -15.44 -9.27 -20.26
CA VAL C 75 -15.60 -9.05 -18.85
C VAL C 75 -17.00 -8.52 -18.62
N GLU C 76 -17.66 -8.99 -17.58
CA GLU C 76 -19.07 -8.73 -17.32
C GLU C 76 -19.19 -8.09 -15.96
N GLY C 77 -20.03 -7.05 -15.86
CA GLY C 77 -20.26 -6.37 -14.60
C GLY C 77 -21.04 -5.08 -14.75
N GLU C 78 -21.60 -4.60 -13.65
CA GLU C 78 -22.31 -3.34 -13.66
C GLU C 78 -21.32 -2.22 -13.98
N ASP C 79 -21.63 -1.47 -15.02
CA ASP C 79 -20.79 -0.38 -15.49
C ASP C 79 -19.40 -0.87 -15.92
N ALA C 80 -19.33 -2.13 -16.34
CA ALA C 80 -18.06 -2.80 -16.67
C ALA C 80 -17.14 -1.96 -17.54
N VAL C 81 -17.69 -1.31 -18.57
CA VAL C 81 -16.88 -0.49 -19.47
C VAL C 81 -16.06 0.57 -18.70
N ASN C 82 -16.74 1.38 -17.89
CA ASN C 82 -16.10 2.43 -17.15
C ASN C 82 -15.28 1.93 -15.96
N VAL C 83 -15.79 0.93 -15.25
CA VAL C 83 -15.04 0.28 -14.17
C VAL C 83 -13.69 -0.25 -14.67
N SER C 84 -13.70 -1.00 -15.77
CA SER C 84 -12.47 -1.49 -16.39
C SER C 84 -11.53 -0.36 -16.72
N ARG C 85 -12.05 0.68 -17.38
CA ARG C 85 -11.20 1.78 -17.79
C ARG C 85 -10.61 2.49 -16.56
N HIS C 86 -11.36 2.44 -15.48
CA HIS C 86 -10.97 3.06 -14.23
C HIS C 86 -9.78 2.37 -13.60
N ILE C 87 -9.82 1.04 -13.53
CA ILE C 87 -8.70 0.30 -12.97
C ILE C 87 -7.57 0.10 -13.94
N ILE C 88 -7.82 0.25 -15.23
CA ILE C 88 -6.74 0.22 -16.23
C ILE C 88 -5.89 1.49 -16.15
N GLY C 89 -6.54 2.66 -16.09
CA GLY C 89 -5.83 3.92 -16.03
C GLY C 89 -5.66 4.62 -17.36
N SER C 90 -5.27 5.89 -17.30
CA SER C 90 -4.99 6.70 -18.49
C SER C 90 -4.10 5.99 -19.51
N THR C 91 -4.30 6.36 -20.77
CA THR C 91 -3.54 5.80 -21.89
C THR C 91 -2.04 5.82 -21.63
N ASN C 92 -1.52 6.99 -21.22
CA ASN C 92 -0.11 7.13 -20.91
C ASN C 92 0.12 6.67 -19.47
N PRO C 93 0.86 5.56 -19.28
CA PRO C 93 1.12 5.03 -17.95
C PRO C 93 1.69 6.02 -16.92
N SER C 94 2.24 7.15 -17.35
CA SER C 94 2.82 8.11 -16.40
C SER C 94 1.77 9.15 -15.97
N GLU C 95 0.65 9.17 -16.68
CA GLU C 95 -0.49 9.96 -16.24
C GLU C 95 -1.51 9.05 -15.55
N ALA C 96 -1.41 7.74 -15.79
CA ALA C 96 -2.26 6.77 -15.12
C ALA C 96 -2.00 6.80 -13.60
N SER C 97 -3.07 6.66 -12.82
CA SER C 97 -2.95 6.75 -11.37
C SER C 97 -2.13 5.61 -10.83
N PRO C 98 -1.21 5.90 -9.91
CA PRO C 98 -0.61 4.76 -9.24
C PRO C 98 -1.73 3.85 -8.70
N GLY C 99 -1.50 2.55 -8.66
CA GLY C 99 -2.54 1.60 -8.27
C GLY C 99 -3.38 1.06 -9.42
N SER C 100 -3.46 1.80 -10.53
CA SER C 100 -4.06 1.29 -11.77
C SER C 100 -3.09 0.35 -12.49
N ILE C 101 -3.59 -0.46 -13.41
CA ILE C 101 -2.75 -1.43 -14.08
C ILE C 101 -1.67 -0.71 -14.89
N ARG C 102 -2.01 0.36 -15.61
CA ARG C 102 -1.04 1.04 -16.44
C ARG C 102 -0.14 1.85 -15.51
N GLY C 103 -0.72 2.43 -14.46
CA GLY C 103 0.04 3.20 -13.49
C GLY C 103 1.15 2.41 -12.81
N ASP C 104 0.88 1.14 -12.51
CA ASP C 104 1.86 0.29 -11.80
C ASP C 104 2.79 -0.47 -12.73
N LEU C 105 2.26 -0.91 -13.90
CA LEU C 105 2.97 -1.86 -14.74
C LEU C 105 3.51 -1.34 -16.06
N GLY C 106 2.89 -0.29 -16.61
CA GLY C 106 3.30 0.24 -17.92
C GLY C 106 4.38 1.30 -17.82
N LEU C 107 5.28 1.36 -18.79
CA LEU C 107 6.31 2.41 -18.81
C LEU C 107 6.04 3.48 -19.86
N THR C 108 5.59 3.06 -21.05
CA THR C 108 5.35 3.99 -22.17
C THR C 108 3.95 3.80 -22.76
N VAL C 109 3.44 4.85 -23.38
CA VAL C 109 2.12 4.86 -24.01
C VAL C 109 1.96 3.78 -25.09
N GLY C 110 3.04 3.44 -25.79
CA GLY C 110 3.00 2.40 -26.82
C GLY C 110 2.98 0.99 -26.27
N ARG C 111 3.67 0.79 -25.15
CA ARG C 111 3.72 -0.49 -24.47
C ARG C 111 3.02 -0.40 -23.10
N ASN C 112 1.69 -0.39 -23.09
CA ASN C 112 0.97 -0.07 -21.88
C ASN C 112 0.04 -1.17 -21.41
N ILE C 113 0.44 -2.42 -21.64
CA ILE C 113 -0.11 -3.56 -20.89
C ILE C 113 -1.49 -4.09 -21.29
N ILE C 114 -2.48 -3.22 -21.37
CA ILE C 114 -3.85 -3.74 -21.52
C ILE C 114 -4.73 -2.79 -22.34
N HIS C 115 -5.67 -3.36 -23.09
CA HIS C 115 -6.72 -2.59 -23.77
C HIS C 115 -8.08 -2.84 -23.14
N GLY C 116 -8.85 -1.77 -22.99
CA GLY C 116 -10.27 -1.85 -22.69
C GLY C 116 -11.07 -1.01 -23.68
N SER C 117 -12.29 -1.46 -23.99
CA SER C 117 -13.20 -0.69 -24.86
C SER C 117 -13.41 0.68 -24.24
N ASP C 118 -13.53 1.73 -25.07
CA ASP C 118 -13.64 3.08 -24.51
C ASP C 118 -15.09 3.56 -24.35
N SER C 119 -16.03 2.80 -24.88
CA SER C 119 -17.44 3.17 -24.83
C SER C 119 -18.31 1.93 -24.95
N LEU C 120 -19.57 2.07 -24.58
CA LEU C 120 -20.56 1.02 -24.81
C LEU C 120 -20.57 0.59 -26.28
N GLU C 121 -20.41 1.56 -27.18
CA GLU C 121 -20.41 1.33 -28.64
C GLU C 121 -19.25 0.50 -29.13
N SER C 122 -18.04 0.89 -28.76
CA SER C 122 -16.88 0.09 -29.17
C SER C 122 -16.73 -1.24 -28.41
N ALA C 123 -17.37 -1.34 -27.25
CA ALA C 123 -17.49 -2.61 -26.53
C ALA C 123 -18.17 -3.68 -27.38
N GLU C 124 -19.40 -3.41 -27.81
CA GLU C 124 -20.10 -4.44 -28.56
C GLU C 124 -19.49 -4.67 -29.93
N ARG C 125 -18.87 -3.64 -30.48
CA ARG C 125 -18.10 -3.80 -31.71
C ARG C 125 -16.94 -4.76 -31.53
N GLU C 126 -16.10 -4.47 -30.54
CA GLU C 126 -14.88 -5.24 -30.30
C GLU C 126 -15.21 -6.67 -29.88
N ILE C 127 -16.23 -6.85 -29.03
CA ILE C 127 -16.63 -8.19 -28.60
C ILE C 127 -17.04 -9.04 -29.79
N ASN C 128 -17.79 -8.47 -30.72
CA ASN C 128 -18.22 -9.21 -31.92
C ASN C 128 -17.05 -9.59 -32.81
N LEU C 129 -16.10 -8.67 -32.89
CA LEU C 129 -14.92 -8.83 -33.69
C LEU C 129 -14.01 -9.96 -33.19
N TRP C 130 -13.80 -10.01 -31.87
CA TRP C 130 -12.84 -10.95 -31.27
C TRP C 130 -13.46 -12.27 -30.79
N PHE C 131 -14.78 -12.29 -30.60
CA PHE C 131 -15.45 -13.43 -29.99
C PHE C 131 -16.72 -13.82 -30.74
N ASN C 132 -17.01 -15.12 -30.80
CA ASN C 132 -18.33 -15.61 -31.18
C ASN C 132 -19.12 -15.94 -29.92
N GLU C 133 -20.44 -15.80 -29.93
CA GLU C 133 -21.31 -16.08 -28.79
C GLU C 133 -20.95 -17.39 -28.14
N ASN C 134 -20.54 -18.38 -28.88
CA ASN C 134 -20.26 -19.71 -28.35
C ASN C 134 -18.94 -19.80 -27.56
N GLU C 135 -18.16 -18.72 -27.60
CA GLU C 135 -16.91 -18.62 -26.82
C GLU C 135 -17.13 -17.78 -25.57
N ILE C 136 -18.33 -17.22 -25.43
CA ILE C 136 -18.65 -16.41 -24.28
C ILE C 136 -19.60 -17.20 -23.42
N THR C 137 -19.18 -17.45 -22.20
CA THR C 137 -19.95 -18.24 -21.27
C THR C 137 -20.84 -17.30 -20.48
N SER C 138 -21.75 -17.85 -19.70
CA SER C 138 -22.73 -17.05 -18.99
C SER C 138 -22.99 -17.82 -17.72
N TYR C 139 -22.61 -17.24 -16.59
CA TYR C 139 -22.78 -17.97 -15.35
C TYR C 139 -23.06 -17.06 -14.17
N ALA C 140 -23.74 -17.63 -13.18
CA ALA C 140 -23.92 -16.99 -11.90
C ALA C 140 -22.69 -17.33 -11.06
N SER C 141 -22.23 -16.36 -10.28
CA SER C 141 -21.12 -16.56 -9.35
C SER C 141 -21.63 -16.33 -7.94
N PRO C 142 -21.04 -17.04 -6.96
CA PRO C 142 -21.39 -16.89 -5.55
C PRO C 142 -21.32 -15.44 -5.03
N ARG C 143 -20.35 -14.66 -5.49
CA ARG C 143 -20.15 -13.30 -5.00
C ARG C 143 -21.11 -12.27 -5.62
N ASP C 144 -21.82 -12.65 -6.69
CA ASP C 144 -22.79 -11.75 -7.37
C ASP C 144 -23.78 -11.07 -6.40
N ALA C 145 -24.26 -11.83 -5.42
CA ALA C 145 -25.22 -11.32 -4.43
C ALA C 145 -24.60 -10.36 -3.43
N TRP C 146 -23.27 -10.22 -3.50
CA TRP C 146 -22.52 -9.40 -2.54
C TRP C 146 -21.82 -8.23 -3.21
N LEU C 147 -21.85 -8.22 -4.55
CA LEU C 147 -21.39 -7.08 -5.35
C LEU C 147 -22.52 -6.08 -5.66
N TYR C 148 -23.76 -6.58 -5.63
CA TYR C 148 -24.93 -5.83 -6.11
C TYR C 148 -26.09 -5.87 -5.12
N GLU C 149 -26.88 -4.80 -5.14
CA GLU C 149 -28.07 -4.68 -4.30
C GLU C 149 -29.30 -5.25 -4.98
N MET D 1 -3.08 9.06 21.34
CA MET D 1 -2.94 9.04 19.84
C MET D 1 -4.32 8.92 19.19
N GLU D 2 -4.54 9.69 18.11
CA GLU D 2 -5.84 9.73 17.42
C GLU D 2 -6.32 8.31 17.05
N ARG D 3 -7.59 8.06 17.34
CA ARG D 3 -8.28 6.80 17.09
C ARG D 3 -9.47 6.95 16.16
N THR D 4 -9.68 5.97 15.31
CA THR D 4 -10.88 5.96 14.49
C THR D 4 -11.61 4.62 14.50
N PHE D 5 -12.85 4.60 14.02
CA PHE D 5 -13.61 3.38 13.90
C PHE D 5 -13.68 2.96 12.44
N LEU D 6 -13.24 1.72 12.17
CA LEU D 6 -13.28 1.11 10.81
C LEU D 6 -14.11 -0.15 10.87
N MET D 7 -14.76 -0.47 9.76
CA MET D 7 -15.66 -1.64 9.72
C MET D 7 -15.50 -2.36 8.37
N ILE D 8 -15.09 -3.62 8.40
CA ILE D 8 -15.07 -4.39 7.19
C ILE D 8 -16.47 -4.92 7.05
N LYS D 9 -17.16 -4.49 5.99
CA LYS D 9 -18.60 -4.71 5.83
C LYS D 9 -18.86 -6.16 5.38
N PRO D 10 -20.16 -6.61 5.40
CA PRO D 10 -20.44 -8.01 5.12
C PRO D 10 -20.09 -8.47 3.71
N ASP D 11 -20.10 -7.57 2.74
CA ASP D 11 -19.59 -7.93 1.40
C ASP D 11 -18.14 -8.41 1.42
N ALA D 12 -17.25 -7.63 2.03
CA ALA D 12 -15.81 -8.02 2.13
C ALA D 12 -15.70 -9.36 2.82
N VAL D 13 -16.39 -9.49 3.98
CA VAL D 13 -16.43 -10.77 4.72
C VAL D 13 -16.83 -11.95 3.85
N GLN D 14 -17.91 -11.80 3.10
CA GLN D 14 -18.48 -12.89 2.30
C GLN D 14 -17.73 -13.13 1.00
N ARG D 15 -16.82 -12.22 0.66
CA ARG D 15 -15.91 -12.38 -0.46
C ARG D 15 -14.53 -12.75 0.06
N ASN D 16 -14.43 -12.98 1.38
CA ASN D 16 -13.23 -13.53 1.99
C ASN D 16 -12.06 -12.61 1.86
N LEU D 17 -12.33 -11.32 2.07
CA LEU D 17 -11.32 -10.26 1.89
C LEU D 17 -10.85 -9.66 3.21
N ILE D 18 -11.15 -10.31 4.34
CA ILE D 18 -10.79 -9.76 5.63
C ILE D 18 -9.31 -9.48 5.75
N GLY D 19 -8.49 -10.46 5.44
CA GLY D 19 -7.04 -10.35 5.57
C GLY D 19 -6.50 -9.32 4.64
N GLU D 20 -6.91 -9.38 3.38
CA GLU D 20 -6.49 -8.40 2.40
C GLU D 20 -6.71 -6.99 2.94
N VAL D 21 -7.93 -6.69 3.43
CA VAL D 21 -8.26 -5.36 3.87
C VAL D 21 -7.42 -4.98 5.07
N ILE D 22 -7.34 -5.88 6.06
CA ILE D 22 -6.52 -5.65 7.28
C ILE D 22 -5.08 -5.32 6.90
N SER D 23 -4.52 -6.13 6.00
CA SER D 23 -3.18 -5.83 5.47
C SER D 23 -2.98 -4.34 5.03
N ARG D 24 -3.90 -3.82 4.21
CA ARG D 24 -3.76 -2.48 3.71
C ARG D 24 -3.81 -1.45 4.86
N ILE D 25 -4.57 -1.75 5.90
CA ILE D 25 -4.53 -0.85 7.04
C ILE D 25 -3.17 -0.95 7.75
N GLU D 26 -2.72 -2.18 8.04
CA GLU D 26 -1.47 -2.35 8.79
C GLU D 26 -0.26 -1.75 8.03
N ARG D 27 -0.17 -1.99 6.74
CA ARG D 27 1.05 -1.63 6.04
C ARG D 27 1.11 -0.11 5.94
N LYS D 28 -0.02 0.55 6.23
CA LYS D 28 -0.08 2.00 6.10
C LYS D 28 0.55 2.64 7.32
N GLY D 29 0.82 1.80 8.32
CA GLY D 29 1.36 2.26 9.59
C GLY D 29 0.32 2.49 10.68
N LEU D 30 -0.94 2.15 10.41
CA LEU D 30 -1.97 2.31 11.43
C LEU D 30 -1.96 1.12 12.41
N LYS D 31 -2.29 1.35 13.66
CA LYS D 31 -2.22 0.31 14.66
C LYS D 31 -3.62 -0.22 15.01
N LEU D 32 -3.79 -1.53 14.89
CA LEU D 32 -5.02 -2.20 15.26
C LEU D 32 -5.01 -2.32 16.77
N VAL D 33 -6.00 -1.70 17.39
CA VAL D 33 -6.02 -1.48 18.81
C VAL D 33 -7.29 -2.15 19.38
N GLY D 34 -8.25 -2.32 18.49
CA GLY D 34 -9.45 -3.06 18.81
C GLY D 34 -9.98 -3.70 17.54
N GLY D 35 -10.59 -4.88 17.69
CA GLY D 35 -11.03 -5.66 16.53
C GLY D 35 -11.85 -6.86 16.96
N LYS D 36 -13.08 -6.95 16.47
CA LYS D 36 -13.91 -8.11 16.75
C LYS D 36 -14.82 -8.48 15.55
N LEU D 37 -14.88 -9.78 15.23
CA LEU D 37 -15.83 -10.27 14.24
C LEU D 37 -17.11 -10.43 15.02
N MET D 38 -18.16 -9.78 14.53
CA MET D 38 -19.45 -9.81 15.23
C MET D 38 -20.62 -9.70 14.27
N GLN D 39 -21.74 -10.34 14.63
CA GLN D 39 -23.02 -10.13 13.95
C GLN D 39 -23.60 -8.82 14.47
N VAL D 40 -24.09 -7.97 13.57
CA VAL D 40 -24.62 -6.67 13.98
C VAL D 40 -26.13 -6.78 14.33
N PRO D 41 -26.47 -6.48 15.60
CA PRO D 41 -27.88 -6.46 15.95
C PRO D 41 -28.57 -5.25 15.35
N MET D 42 -29.83 -5.44 14.98
CA MET D 42 -30.68 -4.39 14.41
C MET D 42 -30.56 -3.09 15.19
N GLU D 43 -30.62 -3.22 16.51
CA GLU D 43 -30.53 -2.11 17.43
C GLU D 43 -29.31 -1.26 17.10
N LEU D 44 -28.15 -1.91 16.96
CA LEU D 44 -26.88 -1.25 16.70
C LEU D 44 -26.80 -0.73 15.27
N ALA D 45 -27.33 -1.51 14.33
CA ALA D 45 -27.35 -1.09 12.94
C ALA D 45 -28.05 0.26 12.81
N GLU D 46 -29.24 0.35 13.38
CA GLU D 46 -30.08 1.53 13.24
C GLU D 46 -29.58 2.79 13.95
N THR D 47 -28.92 2.64 15.09
CA THR D 47 -28.37 3.83 15.75
C THR D 47 -27.07 4.27 15.06
N HIS D 48 -26.33 3.33 14.45
CA HIS D 48 -25.11 3.63 13.72
C HIS D 48 -25.39 4.40 12.43
N TYR D 49 -26.49 4.04 11.78
CA TYR D 49 -26.87 4.64 10.51
C TYR D 49 -28.12 5.53 10.67
N GLY D 50 -28.34 6.04 11.89
CA GLY D 50 -29.51 6.88 12.22
C GLY D 50 -29.64 8.16 11.41
N GLU D 51 -28.48 8.73 11.02
CA GLU D 51 -28.42 9.96 10.21
C GLU D 51 -28.99 9.80 8.80
N HIS D 52 -29.34 8.57 8.42
CA HIS D 52 -29.85 8.25 7.07
C HIS D 52 -31.32 7.80 7.05
N GLN D 53 -31.96 7.86 8.21
CA GLN D 53 -33.31 7.27 8.40
C GLN D 53 -34.35 7.54 7.30
N GLY D 54 -34.30 8.70 6.66
CA GLY D 54 -35.29 9.05 5.63
C GLY D 54 -34.93 8.56 4.25
N LYS D 55 -33.62 8.48 4.00
CA LYS D 55 -33.05 8.25 2.67
C LYS D 55 -33.57 7.00 1.95
N PRO D 56 -33.62 7.03 0.60
CA PRO D 56 -33.96 5.87 -0.24
C PRO D 56 -33.25 4.55 0.12
N PHE D 57 -31.93 4.60 0.27
CA PHE D 57 -31.14 3.38 0.53
C PHE D 57 -31.19 2.85 1.98
N TYR D 58 -31.84 3.58 2.89
CA TYR D 58 -31.80 3.24 4.33
C TYR D 58 -32.19 1.79 4.66
N ASN D 59 -33.37 1.38 4.23
CA ASN D 59 -33.83 0.02 4.49
C ASN D 59 -32.92 -1.05 3.94
N ASP D 60 -32.45 -0.83 2.72
CA ASP D 60 -31.44 -1.69 2.11
C ASP D 60 -30.12 -1.68 2.89
N LEU D 61 -29.80 -0.56 3.50
CA LEU D 61 -28.54 -0.42 4.26
C LEU D 61 -28.57 -1.26 5.51
N ILE D 62 -29.68 -1.18 6.22
CA ILE D 62 -29.91 -1.93 7.44
C ILE D 62 -29.91 -3.41 7.16
N SER D 63 -30.61 -3.80 6.10
CA SER D 63 -30.66 -5.20 5.66
C SER D 63 -29.26 -5.76 5.38
N PHE D 64 -28.47 -4.98 4.65
CA PHE D 64 -27.15 -5.39 4.26
C PHE D 64 -26.19 -5.52 5.44
N ILE D 65 -26.14 -4.53 6.32
CA ILE D 65 -25.20 -4.55 7.43
C ILE D 65 -25.55 -5.60 8.49
N THR D 66 -26.75 -6.17 8.39
CA THR D 66 -27.17 -7.20 9.35
C THR D 66 -27.15 -8.57 8.71
N SER D 67 -26.93 -8.63 7.40
CA SER D 67 -27.05 -9.89 6.62
C SER D 67 -25.91 -10.93 6.80
N ALA D 68 -24.82 -10.51 7.41
CA ALA D 68 -23.70 -11.40 7.76
C ALA D 68 -22.74 -10.63 8.70
N PRO D 69 -21.78 -11.33 9.32
CA PRO D 69 -20.93 -10.65 10.30
C PRO D 69 -20.08 -9.54 9.71
N VAL D 70 -19.63 -8.64 10.57
CA VAL D 70 -18.70 -7.60 10.17
C VAL D 70 -17.43 -7.76 11.00
N PHE D 71 -16.34 -7.12 10.57
CA PHE D 71 -15.21 -6.98 11.43
C PHE D 71 -15.05 -5.55 11.82
N ALA D 72 -15.45 -5.22 13.05
CA ALA D 72 -15.34 -3.89 13.62
C ALA D 72 -13.96 -3.68 14.22
N MET D 73 -13.38 -2.51 13.97
CA MET D 73 -12.01 -2.18 14.35
C MET D 73 -11.89 -0.81 15.00
N VAL D 74 -10.96 -0.70 15.93
CA VAL D 74 -10.44 0.60 16.34
C VAL D 74 -8.97 0.68 15.92
N VAL D 75 -8.66 1.72 15.19
CA VAL D 75 -7.37 1.91 14.61
C VAL D 75 -6.77 3.22 15.18
N GLU D 76 -5.48 3.15 15.50
CA GLU D 76 -4.81 4.21 16.23
C GLU D 76 -3.64 4.67 15.39
N GLY D 77 -3.46 5.99 15.31
CA GLY D 77 -2.36 6.59 14.56
C GLY D 77 -2.49 8.10 14.48
N GLU D 78 -1.38 8.75 14.12
CA GLU D 78 -1.39 10.19 13.86
C GLU D 78 -2.28 10.47 12.66
N ASP D 79 -3.27 11.33 12.87
CA ASP D 79 -4.25 11.72 11.85
C ASP D 79 -5.09 10.50 11.37
N ALA D 80 -5.22 9.50 12.24
CA ALA D 80 -5.83 8.23 11.86
C ALA D 80 -7.13 8.38 11.08
N VAL D 81 -8.02 9.26 11.54
CA VAL D 81 -9.29 9.48 10.88
C VAL D 81 -9.14 9.79 9.38
N ASN D 82 -8.35 10.82 9.04
CA ASN D 82 -8.13 11.17 7.63
C ASN D 82 -7.25 10.16 6.86
N VAL D 83 -6.26 9.58 7.54
CA VAL D 83 -5.35 8.64 6.90
C VAL D 83 -6.17 7.46 6.45
N SER D 84 -7.01 6.94 7.34
CA SER D 84 -7.91 5.83 7.04
C SER D 84 -8.83 6.17 5.87
N ARG D 85 -9.43 7.35 5.91
CA ARG D 85 -10.33 7.71 4.82
C ARG D 85 -9.58 7.87 3.51
N HIS D 86 -8.29 8.18 3.58
CA HIS D 86 -7.46 8.34 2.43
C HIS D 86 -7.21 6.97 1.74
N ILE D 87 -6.86 5.94 2.50
CA ILE D 87 -6.57 4.66 1.90
C ILE D 87 -7.84 3.88 1.57
N ILE D 88 -8.94 4.22 2.25
CA ILE D 88 -10.26 3.62 1.96
C ILE D 88 -10.75 4.09 0.60
N GLY D 89 -10.67 5.38 0.32
CA GLY D 89 -11.16 5.93 -0.95
C GLY D 89 -12.59 6.49 -0.89
N SER D 90 -12.97 7.21 -1.97
CA SER D 90 -14.29 7.81 -2.10
C SER D 90 -15.40 6.80 -1.86
N THR D 91 -16.56 7.32 -1.45
CA THR D 91 -17.69 6.50 -1.16
C THR D 91 -17.99 5.57 -2.32
N ASN D 92 -18.08 6.11 -3.53
CA ASN D 92 -18.41 5.34 -4.72
C ASN D 92 -17.15 4.75 -5.29
N PRO D 93 -17.03 3.41 -5.28
CA PRO D 93 -15.79 2.72 -5.69
C PRO D 93 -15.29 3.08 -7.08
N SER D 94 -16.12 3.68 -7.92
CA SER D 94 -15.67 4.03 -9.25
C SER D 94 -15.11 5.46 -9.31
N GLU D 95 -15.29 6.20 -8.22
CA GLU D 95 -14.60 7.50 -8.02
C GLU D 95 -13.39 7.37 -7.11
N ALA D 96 -13.36 6.32 -6.28
CA ALA D 96 -12.23 6.01 -5.41
C ALA D 96 -10.98 5.76 -6.24
N SER D 97 -9.85 6.25 -5.76
CA SER D 97 -8.62 6.15 -6.52
C SER D 97 -8.17 4.70 -6.62
N PRO D 98 -7.75 4.28 -7.83
CA PRO D 98 -7.10 2.98 -7.91
C PRO D 98 -6.02 2.92 -6.82
N GLY D 99 -5.81 1.71 -6.26
CA GLY D 99 -4.92 1.58 -5.13
C GLY D 99 -5.57 1.78 -3.77
N SER D 100 -6.68 2.51 -3.66
CA SER D 100 -7.45 2.56 -2.40
C SER D 100 -8.22 1.26 -2.27
N ILE D 101 -8.65 0.94 -1.06
CA ILE D 101 -9.43 -0.26 -0.78
C ILE D 101 -10.70 -0.31 -1.63
N ARG D 102 -11.46 0.78 -1.65
CA ARG D 102 -12.72 0.81 -2.42
C ARG D 102 -12.34 0.83 -3.90
N GLY D 103 -11.29 1.55 -4.25
CA GLY D 103 -10.86 1.65 -5.64
C GLY D 103 -10.54 0.32 -6.26
N ASP D 104 -9.93 -0.56 -5.48
CA ASP D 104 -9.47 -1.85 -5.95
C ASP D 104 -10.46 -2.98 -5.81
N LEU D 105 -11.31 -2.91 -4.78
CA LEU D 105 -12.08 -4.07 -4.36
C LEU D 105 -13.59 -3.88 -4.45
N GLY D 106 -14.07 -2.64 -4.39
CA GLY D 106 -15.50 -2.40 -4.37
C GLY D 106 -15.97 -2.22 -5.78
N LEU D 107 -17.19 -2.70 -6.08
CA LEU D 107 -17.87 -2.44 -7.36
C LEU D 107 -18.96 -1.35 -7.30
N THR D 108 -19.73 -1.31 -6.23
CA THR D 108 -20.86 -0.37 -6.19
C THR D 108 -20.88 0.39 -4.86
N VAL D 109 -21.47 1.58 -4.89
CA VAL D 109 -21.55 2.41 -3.70
C VAL D 109 -22.24 1.72 -2.49
N GLY D 110 -23.22 0.87 -2.76
CA GLY D 110 -23.91 0.11 -1.73
C GLY D 110 -23.06 -0.98 -1.10
N ARG D 111 -22.25 -1.65 -1.94
CA ARG D 111 -21.40 -2.75 -1.52
C ARG D 111 -19.94 -2.32 -1.67
N ASN D 112 -19.45 -1.54 -0.73
CA ASN D 112 -18.16 -0.89 -0.90
C ASN D 112 -17.16 -1.20 0.18
N ILE D 113 -17.22 -2.43 0.70
CA ILE D 113 -16.14 -3.07 1.42
C ILE D 113 -15.91 -2.68 2.87
N ILE D 114 -15.78 -1.38 3.14
CA ILE D 114 -15.28 -0.91 4.44
C ILE D 114 -15.89 0.42 4.84
N HIS D 115 -16.04 0.64 6.15
CA HIS D 115 -16.47 1.93 6.70
C HIS D 115 -15.33 2.51 7.51
N GLY D 116 -15.26 3.84 7.51
CA GLY D 116 -14.39 4.57 8.39
C GLY D 116 -15.13 5.80 8.84
N SER D 117 -14.92 6.20 10.09
CA SER D 117 -15.50 7.44 10.61
C SER D 117 -15.13 8.58 9.68
N ASP D 118 -16.03 9.57 9.54
CA ASP D 118 -15.76 10.65 8.60
C ASP D 118 -15.21 11.92 9.25
N SER D 119 -15.24 11.93 10.58
CA SER D 119 -14.70 13.04 11.33
C SER D 119 -14.20 12.60 12.70
N LEU D 120 -13.43 13.48 13.35
CA LEU D 120 -13.08 13.31 14.76
C LEU D 120 -14.30 13.11 15.64
N GLU D 121 -15.39 13.83 15.40
CA GLU D 121 -16.57 13.67 16.28
C GLU D 121 -17.38 12.36 16.03
N SER D 122 -17.50 11.92 14.78
CA SER D 122 -18.14 10.63 14.55
C SER D 122 -17.24 9.42 14.89
N ALA D 123 -15.93 9.65 14.91
CA ALA D 123 -14.98 8.67 15.44
C ALA D 123 -15.30 8.29 16.88
N GLU D 124 -15.28 9.27 17.79
CA GLU D 124 -15.46 8.99 19.21
C GLU D 124 -16.90 8.60 19.53
N ARG D 125 -17.82 8.95 18.63
CA ARG D 125 -19.20 8.46 18.71
C ARG D 125 -19.26 6.98 18.36
N GLU D 126 -18.69 6.63 17.20
CA GLU D 126 -18.76 5.27 16.70
C GLU D 126 -17.97 4.30 17.54
N ILE D 127 -16.80 4.73 18.02
CA ILE D 127 -16.00 3.93 18.94
C ILE D 127 -16.80 3.57 20.21
N ASN D 128 -17.42 4.56 20.83
CA ASN D 128 -18.22 4.29 22.04
C ASN D 128 -19.37 3.32 21.79
N LEU D 129 -19.97 3.45 20.60
CA LEU D 129 -21.14 2.68 20.21
C LEU D 129 -20.82 1.21 20.03
N TRP D 130 -19.70 0.92 19.34
CA TRP D 130 -19.31 -0.44 18.98
C TRP D 130 -18.35 -1.13 19.97
N PHE D 131 -17.67 -0.35 20.80
CA PHE D 131 -16.63 -0.88 21.70
C PHE D 131 -16.79 -0.36 23.12
N ASN D 132 -16.44 -1.20 24.10
CA ASN D 132 -16.18 -0.77 25.47
C ASN D 132 -14.67 -0.62 25.69
N GLU D 133 -14.22 0.29 26.53
CA GLU D 133 -12.83 0.52 26.88
C GLU D 133 -12.10 -0.79 27.11
N ASN D 134 -12.68 -1.77 27.71
CA ASN D 134 -12.01 -3.02 28.04
C ASN D 134 -11.77 -3.93 26.85
N GLU D 135 -12.37 -3.58 25.71
CA GLU D 135 -12.14 -4.26 24.42
C GLU D 135 -11.13 -3.54 23.55
N ILE D 136 -10.67 -2.39 24.01
CA ILE D 136 -9.66 -1.66 23.28
C ILE D 136 -8.36 -1.79 24.03
N THR D 137 -7.36 -2.32 23.34
CA THR D 137 -6.05 -2.54 23.94
C THR D 137 -5.21 -1.27 23.74
N SER D 138 -4.06 -1.23 24.40
CA SER D 138 -3.21 -0.07 24.33
C SER D 138 -1.78 -0.59 24.41
N TYR D 139 -1.02 -0.43 23.34
CA TYR D 139 0.32 -1.04 23.32
C TYR D 139 1.29 -0.30 22.46
N ALA D 140 2.55 -0.37 22.87
CA ALA D 140 3.64 0.19 22.11
C ALA D 140 4.04 -0.87 21.08
N SER D 141 4.34 -0.42 19.86
CA SER D 141 4.84 -1.27 18.81
C SER D 141 6.26 -0.88 18.43
N PRO D 142 7.09 -1.86 18.06
CA PRO D 142 8.45 -1.65 17.56
C PRO D 142 8.60 -0.57 16.45
N ARG D 143 7.66 -0.54 15.52
CA ARG D 143 7.73 0.41 14.42
C ARG D 143 7.31 1.85 14.79
N ASP D 144 6.68 2.03 15.95
CA ASP D 144 6.22 3.35 16.41
C ASP D 144 7.29 4.41 16.30
N ALA D 145 8.54 4.04 16.65
CA ALA D 145 9.70 4.97 16.59
C ALA D 145 10.16 5.31 15.17
N TRP D 146 9.59 4.61 14.19
CA TRP D 146 10.00 4.75 12.79
C TRP D 146 8.86 5.27 11.90
N LEU D 147 7.68 5.39 12.49
CA LEU D 147 6.56 6.07 11.84
C LEU D 147 6.51 7.56 12.18
N TYR D 148 7.08 7.94 13.33
CA TYR D 148 6.92 9.28 13.92
C TYR D 148 8.23 9.86 14.38
N GLU D 149 8.32 11.20 14.33
CA GLU D 149 9.52 11.94 14.71
C GLU D 149 9.50 12.27 16.21
N MET E 1 -20.39 -27.92 11.46
CA MET E 1 -19.08 -28.02 10.78
C MET E 1 -17.94 -27.88 11.78
N GLU E 2 -16.90 -28.71 11.62
CA GLU E 2 -15.74 -28.74 12.52
C GLU E 2 -15.17 -27.35 12.76
N ARG E 3 -14.82 -27.07 14.00
CA ARG E 3 -14.28 -25.80 14.41
C ARG E 3 -12.94 -25.95 15.13
N THR E 4 -12.03 -25.03 14.89
CA THR E 4 -10.78 -25.02 15.67
C THR E 4 -10.43 -23.64 16.26
N PHE E 5 -9.54 -23.63 17.24
CA PHE E 5 -9.07 -22.39 17.83
C PHE E 5 -7.69 -22.04 17.28
N LEU E 6 -7.58 -20.85 16.68
CA LEU E 6 -6.32 -20.32 16.17
C LEU E 6 -5.97 -19.02 16.90
N MET E 7 -4.68 -18.75 17.04
CA MET E 7 -4.24 -17.58 17.77
C MET E 7 -3.00 -16.99 17.09
N ILE E 8 -3.15 -15.78 16.57
CA ILE E 8 -2.02 -15.02 16.06
C ILE E 8 -1.28 -14.45 17.27
N LYS E 9 -0.05 -14.92 17.49
CA LYS E 9 0.68 -14.65 18.73
C LYS E 9 1.26 -13.23 18.72
N PRO E 10 1.79 -12.77 19.86
CA PRO E 10 2.20 -11.36 19.90
C PRO E 10 3.39 -10.97 18.98
N ASP E 11 4.20 -11.94 18.57
CA ASP E 11 5.26 -11.65 17.58
C ASP E 11 4.64 -11.21 16.23
N ALA E 12 3.75 -12.03 15.69
CA ALA E 12 3.03 -11.65 14.48
C ALA E 12 2.41 -10.28 14.57
N VAL E 13 1.67 -10.05 15.66
CA VAL E 13 1.05 -8.74 15.92
C VAL E 13 2.08 -7.62 15.88
N GLN E 14 3.19 -7.79 16.61
CA GLN E 14 4.23 -6.74 16.71
C GLN E 14 5.08 -6.62 15.49
N ARG E 15 4.97 -7.57 14.57
CA ARG E 15 5.69 -7.47 13.30
C ARG E 15 4.70 -7.08 12.21
N ASN E 16 3.47 -6.76 12.61
CA ASN E 16 2.45 -6.24 11.72
C ASN E 16 2.02 -7.23 10.67
N LEU E 17 1.86 -8.49 11.07
CA LEU E 17 1.53 -9.58 10.14
C LEU E 17 0.10 -10.10 10.29
N ILE E 18 -0.77 -9.35 10.97
CA ILE E 18 -2.13 -9.86 11.21
C ILE E 18 -2.92 -10.17 9.93
N GLY E 19 -3.04 -9.19 9.04
CA GLY E 19 -3.60 -9.38 7.71
C GLY E 19 -2.94 -10.54 6.98
N GLU E 20 -1.63 -10.50 6.83
CA GLU E 20 -0.95 -11.52 6.05
C GLU E 20 -1.43 -12.92 6.57
N VAL E 21 -1.45 -13.12 7.89
CA VAL E 21 -1.72 -14.45 8.44
C VAL E 21 -3.21 -14.79 8.25
N ILE E 22 -4.08 -13.82 8.55
CA ILE E 22 -5.50 -14.00 8.26
C ILE E 22 -5.70 -14.40 6.80
N SER E 23 -5.05 -13.69 5.87
CA SER E 23 -5.14 -14.02 4.44
C SER E 23 -4.91 -15.48 4.15
N ARG E 24 -3.89 -16.04 4.77
CA ARG E 24 -3.49 -17.40 4.47
C ARG E 24 -4.53 -18.39 4.95
N ILE E 25 -5.20 -18.06 6.05
CA ILE E 25 -6.31 -18.85 6.54
C ILE E 25 -7.51 -18.76 5.56
N GLU E 26 -7.91 -17.54 5.21
CA GLU E 26 -9.03 -17.29 4.32
C GLU E 26 -8.93 -17.99 2.99
N ARG E 27 -7.81 -17.82 2.31
CA ARG E 27 -7.63 -18.32 0.97
C ARG E 27 -7.62 -19.85 0.97
N LYS E 28 -7.36 -20.46 2.13
CA LYS E 28 -7.37 -21.91 2.25
C LYS E 28 -8.78 -22.47 2.23
N GLY E 29 -9.77 -21.59 2.33
CA GLY E 29 -11.17 -21.97 2.36
C GLY E 29 -11.76 -22.12 3.77
N LEU E 30 -10.97 -21.79 4.79
CA LEU E 30 -11.45 -21.81 6.16
C LEU E 30 -12.30 -20.59 6.41
N LYS E 31 -13.30 -20.71 7.25
CA LYS E 31 -14.21 -19.64 7.51
C LYS E 31 -13.92 -19.02 8.88
N LEU E 32 -13.67 -17.72 8.90
CA LEU E 32 -13.55 -17.01 10.14
C LEU E 32 -14.93 -16.83 10.79
N VAL E 33 -15.07 -17.40 11.98
CA VAL E 33 -16.36 -17.50 12.64
C VAL E 33 -16.37 -16.77 14.01
N GLY E 34 -15.20 -16.66 14.61
CA GLY E 34 -14.96 -15.85 15.79
C GLY E 34 -13.58 -15.25 15.70
N GLY E 35 -13.45 -13.99 16.12
CA GLY E 35 -12.16 -13.32 16.09
C GLY E 35 -12.16 -12.07 16.93
N LYS E 36 -11.23 -12.01 17.89
CA LYS E 36 -11.02 -10.78 18.67
C LYS E 36 -9.53 -10.45 18.95
N LEU E 37 -9.19 -9.17 18.80
CA LEU E 37 -7.89 -8.69 19.25
C LEU E 37 -8.03 -8.40 20.73
N MET E 38 -7.22 -9.07 21.53
CA MET E 38 -7.30 -8.95 22.97
C MET E 38 -5.95 -9.09 23.66
N GLN E 39 -5.82 -8.44 24.81
CA GLN E 39 -4.70 -8.65 25.71
C GLN E 39 -5.01 -9.92 26.49
N VAL E 40 -4.02 -10.80 26.66
CA VAL E 40 -4.26 -12.07 27.36
C VAL E 40 -3.94 -11.95 28.83
N PRO E 41 -4.96 -12.08 29.72
CA PRO E 41 -4.69 -12.00 31.15
C PRO E 41 -3.91 -13.23 31.60
N MET E 42 -3.04 -13.03 32.59
CA MET E 42 -2.22 -14.09 33.18
C MET E 42 -3.03 -15.36 33.44
N GLU E 43 -4.15 -15.23 34.17
CA GLU E 43 -5.01 -16.38 34.41
C GLU E 43 -5.15 -17.18 33.10
N LEU E 44 -5.69 -16.55 32.06
CA LEU E 44 -6.01 -17.23 30.80
C LEU E 44 -4.78 -17.84 30.13
N ALA E 45 -3.67 -17.15 30.20
CA ALA E 45 -2.41 -17.65 29.67
C ALA E 45 -2.08 -18.96 30.36
N GLU E 46 -2.13 -18.96 31.69
CA GLU E 46 -1.67 -20.11 32.45
C GLU E 46 -2.58 -21.32 32.31
N THR E 47 -3.89 -21.10 32.16
CA THR E 47 -4.77 -22.25 32.02
C THR E 47 -4.73 -22.80 30.60
N HIS E 48 -4.46 -21.92 29.62
CA HIS E 48 -4.28 -22.32 28.20
C HIS E 48 -3.02 -23.16 27.97
N TYR E 49 -1.93 -22.80 28.66
CA TYR E 49 -0.64 -23.51 28.56
C TYR E 49 -0.33 -24.35 29.82
N GLY E 50 -1.37 -24.74 30.56
CA GLY E 50 -1.24 -25.52 31.80
C GLY E 50 -0.51 -26.85 31.66
N GLU E 51 -0.63 -27.45 30.49
CA GLU E 51 0.04 -28.72 30.18
C GLU E 51 1.57 -28.62 30.12
N HIS E 52 2.10 -27.41 30.21
CA HIS E 52 3.54 -27.18 30.11
C HIS E 52 4.18 -26.70 31.41
N GLN E 53 3.39 -26.66 32.50
CA GLN E 53 3.80 -26.04 33.78
C GLN E 53 5.21 -26.33 34.30
N GLY E 54 5.72 -27.53 34.04
CA GLY E 54 7.05 -27.90 34.54
C GLY E 54 8.19 -27.53 33.61
N LYS E 55 7.94 -27.58 32.33
CA LYS E 55 8.93 -27.48 31.26
C LYS E 55 9.74 -26.19 31.37
N PRO E 56 11.04 -26.26 30.85
CA PRO E 56 11.99 -25.14 30.79
C PRO E 56 11.42 -23.83 30.25
N PHE E 57 10.75 -23.88 29.09
CA PHE E 57 10.25 -22.68 28.42
C PHE E 57 8.97 -22.08 29.00
N TYR E 58 8.36 -22.74 29.99
CA TYR E 58 7.05 -22.31 30.50
C TYR E 58 6.99 -20.81 30.89
N ASN E 59 7.86 -20.38 31.80
CA ASN E 59 7.86 -19.00 32.28
C ASN E 59 8.05 -18.02 31.12
N ASP E 60 8.95 -18.36 30.20
CA ASP E 60 9.18 -17.56 29.01
C ASP E 60 7.97 -17.51 28.09
N LEU E 61 7.22 -18.62 28.05
CA LEU E 61 6.00 -18.71 27.24
C LEU E 61 4.89 -17.82 27.77
N ILE E 62 4.67 -17.85 29.08
CA ILE E 62 3.66 -17.01 29.75
C ILE E 62 4.02 -15.54 29.56
N SER E 63 5.29 -15.19 29.78
CA SER E 63 5.77 -13.83 29.59
C SER E 63 5.48 -13.34 28.19
N PHE E 64 5.77 -14.20 27.21
CA PHE E 64 5.66 -13.83 25.81
C PHE E 64 4.22 -13.65 25.39
N ILE E 65 3.35 -14.58 25.78
CA ILE E 65 1.97 -14.53 25.36
C ILE E 65 1.23 -13.35 26.03
N THR E 66 1.77 -12.85 27.14
CA THR E 66 1.11 -11.74 27.86
C THR E 66 1.71 -10.40 27.55
N SER E 67 2.79 -10.40 26.77
CA SER E 67 3.59 -9.21 26.51
C SER E 67 2.95 -8.20 25.57
N ALA E 68 2.00 -8.63 24.73
CA ALA E 68 1.28 -7.73 23.80
C ALA E 68 0.03 -8.44 23.29
N PRO E 69 -0.93 -7.73 22.67
CA PRO E 69 -2.18 -8.37 22.27
C PRO E 69 -2.06 -9.55 21.32
N VAL E 70 -3.04 -10.44 21.34
CA VAL E 70 -3.10 -11.52 20.36
C VAL E 70 -4.37 -11.33 19.53
N PHE E 71 -4.49 -12.13 18.47
CA PHE E 71 -5.73 -12.19 17.72
C PHE E 71 -6.25 -13.62 17.80
N ALA E 72 -7.24 -13.80 18.65
CA ALA E 72 -7.82 -15.10 18.89
C ALA E 72 -8.91 -15.30 17.88
N MET E 73 -8.94 -16.49 17.28
CA MET E 73 -9.89 -16.84 16.23
C MET E 73 -10.57 -18.18 16.48
N VAL E 74 -11.82 -18.29 16.02
CA VAL E 74 -12.43 -19.59 15.82
C VAL E 74 -12.65 -19.74 14.31
N VAL E 75 -12.18 -20.85 13.80
CA VAL E 75 -12.18 -21.09 12.37
C VAL E 75 -13.00 -22.34 12.09
N GLU E 76 -13.83 -22.27 11.05
CA GLU E 76 -14.80 -23.33 10.75
C GLU E 76 -14.54 -23.91 9.35
N GLY E 77 -14.56 -25.23 9.27
CA GLY E 77 -14.38 -25.91 7.99
C GLY E 77 -14.31 -27.42 8.13
N GLU E 78 -14.48 -28.13 7.02
CA GLU E 78 -14.29 -29.55 7.02
C GLU E 78 -12.85 -29.87 7.39
N ASP E 79 -12.69 -30.71 8.41
CA ASP E 79 -11.36 -31.13 8.87
C ASP E 79 -10.51 -29.93 9.32
N ALA E 80 -11.19 -28.84 9.71
CA ALA E 80 -10.56 -27.57 10.09
C ALA E 80 -9.33 -27.71 10.99
N VAL E 81 -9.41 -28.62 11.99
CA VAL E 81 -8.31 -28.82 12.94
C VAL E 81 -7.02 -29.21 12.24
N ASN E 82 -7.08 -30.26 11.39
CA ASN E 82 -5.90 -30.71 10.67
C ASN E 82 -5.52 -29.84 9.51
N VAL E 83 -6.53 -29.27 8.84
CA VAL E 83 -6.31 -28.32 7.75
C VAL E 83 -5.51 -27.12 8.26
N SER E 84 -5.94 -26.56 9.38
CA SER E 84 -5.24 -25.45 9.97
C SER E 84 -3.82 -25.83 10.32
N ARG E 85 -3.66 -26.99 10.95
CA ARG E 85 -2.33 -27.43 11.38
C ARG E 85 -1.41 -27.69 10.22
N HIS E 86 -2.01 -28.04 9.09
CA HIS E 86 -1.28 -28.26 7.86
C HIS E 86 -0.68 -26.95 7.31
N ILE E 87 -1.48 -25.89 7.23
CA ILE E 87 -1.00 -24.65 6.66
C ILE E 87 -0.16 -23.85 7.66
N ILE E 88 -0.36 -24.12 8.95
CA ILE E 88 0.44 -23.49 9.99
C ILE E 88 1.88 -24.00 9.95
N GLY E 89 2.02 -25.33 9.87
CA GLY E 89 3.33 -25.99 9.73
C GLY E 89 3.87 -26.46 11.05
N SER E 90 4.92 -27.28 11.01
CA SER E 90 5.60 -27.80 12.24
C SER E 90 5.86 -26.72 13.27
N THR E 91 5.98 -27.17 14.51
CA THR E 91 6.21 -26.30 15.65
C THR E 91 7.46 -25.44 15.52
N ASN E 92 8.57 -26.05 15.12
CA ASN E 92 9.78 -25.34 14.80
C ASN E 92 9.74 -24.82 13.35
N PRO E 93 9.78 -23.47 13.19
CA PRO E 93 9.70 -22.86 11.87
C PRO E 93 10.74 -23.32 10.85
N SER E 94 11.80 -23.99 11.27
CA SER E 94 12.85 -24.42 10.35
C SER E 94 12.64 -25.85 9.90
N GLU E 95 11.65 -26.48 10.50
CA GLU E 95 11.18 -27.79 10.09
C GLU E 95 9.85 -27.71 9.39
N ALA E 96 9.13 -26.61 9.60
CA ALA E 96 7.88 -26.31 8.90
C ALA E 96 8.15 -26.13 7.42
N SER E 97 7.26 -26.64 6.60
CA SER E 97 7.41 -26.58 5.15
C SER E 97 7.40 -25.14 4.62
N PRO E 98 8.35 -24.81 3.73
CA PRO E 98 8.20 -23.50 3.11
C PRO E 98 6.77 -23.41 2.59
N GLY E 99 6.20 -22.22 2.60
CA GLY E 99 4.82 -22.05 2.16
C GLY E 99 3.83 -22.11 3.33
N SER E 100 4.20 -22.77 4.42
CA SER E 100 3.37 -22.76 5.60
C SER E 100 3.58 -21.45 6.33
N ILE E 101 2.66 -21.09 7.23
CA ILE E 101 2.76 -19.83 7.94
C ILE E 101 4.05 -19.76 8.75
N ARG E 102 4.30 -20.80 9.55
CA ARG E 102 5.54 -20.85 10.32
C ARG E 102 6.73 -21.01 9.38
N GLY E 103 6.58 -21.78 8.32
CA GLY E 103 7.66 -21.96 7.40
C GLY E 103 8.16 -20.67 6.77
N ASP E 104 7.25 -19.77 6.41
CA ASP E 104 7.59 -18.54 5.72
C ASP E 104 7.92 -17.40 6.66
N LEU E 105 7.24 -17.35 7.80
CA LEU E 105 7.23 -16.16 8.65
C LEU E 105 7.93 -16.28 10.01
N GLY E 106 8.02 -17.48 10.57
CA GLY E 106 8.65 -17.63 11.87
C GLY E 106 10.13 -17.91 11.78
N LEU E 107 10.90 -17.44 12.77
CA LEU E 107 12.34 -17.76 12.85
C LEU E 107 12.69 -18.84 13.87
N THR E 108 12.11 -18.74 15.06
CA THR E 108 12.45 -19.66 16.15
C THR E 108 11.19 -20.29 16.77
N VAL E 109 11.38 -21.42 17.44
CA VAL E 109 10.29 -22.22 17.94
C VAL E 109 9.49 -21.48 18.99
N GLY E 110 10.18 -20.61 19.74
CA GLY E 110 9.54 -19.78 20.78
C GLY E 110 8.71 -18.64 20.24
N ARG E 111 9.13 -18.07 19.10
CA ARG E 111 8.41 -16.99 18.46
C ARG E 111 7.95 -17.46 17.08
N ASN E 112 6.85 -18.21 17.07
CA ASN E 112 6.46 -18.88 15.85
C ASN E 112 5.07 -18.52 15.33
N ILE E 113 4.70 -17.25 15.52
CA ILE E 113 3.61 -16.60 14.77
C ILE E 113 2.18 -16.96 15.14
N ILE E 114 1.84 -18.25 15.16
CA ILE E 114 0.44 -18.67 15.28
C ILE E 114 0.25 -19.93 16.11
N HIS E 115 -0.89 -20.03 16.79
CA HIS E 115 -1.29 -21.27 17.47
C HIS E 115 -2.51 -21.87 16.82
N GLY E 116 -2.52 -23.19 16.66
CA GLY E 116 -3.74 -23.92 16.28
C GLY E 116 -3.93 -25.10 17.21
N SER E 117 -5.19 -25.43 17.54
CA SER E 117 -5.49 -26.58 18.41
C SER E 117 -4.89 -27.82 17.79
N ASP E 118 -4.36 -28.74 18.59
CA ASP E 118 -3.68 -29.92 18.03
C ASP E 118 -4.57 -31.14 17.82
N SER E 119 -5.78 -31.09 18.37
CA SER E 119 -6.72 -32.20 18.28
C SER E 119 -8.15 -31.69 18.38
N LEU E 120 -9.10 -32.52 17.98
CA LEU E 120 -10.53 -32.23 18.18
C LEU E 120 -10.84 -31.93 19.63
N GLU E 121 -10.20 -32.72 20.51
CA GLU E 121 -10.32 -32.51 21.96
C GLU E 121 -9.94 -31.08 22.34
N SER E 122 -8.65 -30.75 22.19
CA SER E 122 -8.16 -29.42 22.60
C SER E 122 -8.78 -28.24 21.86
N ALA E 123 -9.32 -28.50 20.67
CA ALA E 123 -10.12 -27.54 19.95
C ALA E 123 -11.31 -27.08 20.78
N GLU E 124 -12.20 -28.02 21.14
CA GLU E 124 -13.37 -27.75 21.95
C GLU E 124 -13.00 -27.05 23.25
N ARG E 125 -11.93 -27.53 23.88
CA ARG E 125 -11.41 -26.99 25.14
C ARG E 125 -11.01 -25.53 24.96
N GLU E 126 -10.14 -25.26 23.99
CA GLU E 126 -9.59 -23.93 23.76
C GLU E 126 -10.64 -22.92 23.30
N ILE E 127 -11.55 -23.35 22.45
CA ILE E 127 -12.67 -22.51 22.04
C ILE E 127 -13.49 -22.04 23.25
N ASN E 128 -13.87 -22.97 24.13
CA ASN E 128 -14.65 -22.63 25.32
C ASN E 128 -13.89 -21.65 26.23
N LEU E 129 -12.60 -21.90 26.35
CA LEU E 129 -11.76 -21.09 27.19
C LEU E 129 -11.67 -19.63 26.72
N TRP E 130 -11.53 -19.43 25.41
CA TRP E 130 -11.26 -18.11 24.84
C TRP E 130 -12.51 -17.39 24.37
N PHE E 131 -13.56 -18.15 24.06
CA PHE E 131 -14.78 -17.58 23.48
C PHE E 131 -16.05 -18.02 24.23
N ASN E 132 -17.04 -17.13 24.28
CA ASN E 132 -18.41 -17.48 24.62
C ASN E 132 -19.21 -17.68 23.32
N GLU E 133 -20.24 -18.53 23.33
CA GLU E 133 -21.11 -18.79 22.19
C GLU E 133 -21.57 -17.49 21.54
N ASN E 134 -21.85 -16.46 22.28
CA ASN E 134 -22.35 -15.19 21.75
C ASN E 134 -21.30 -14.36 20.98
N GLU E 135 -20.04 -14.77 21.04
CA GLU E 135 -18.96 -14.13 20.32
C GLU E 135 -18.61 -14.92 19.06
N ILE E 136 -19.25 -16.07 18.89
CA ILE E 136 -19.00 -16.90 17.71
C ILE E 136 -20.22 -16.79 16.82
N THR E 137 -19.99 -16.33 15.61
CA THR E 137 -21.06 -16.12 14.64
C THR E 137 -21.22 -17.39 13.83
N SER E 138 -22.30 -17.47 13.06
CA SER E 138 -22.63 -18.67 12.34
C SER E 138 -23.27 -18.20 11.05
N TYR E 139 -22.59 -18.40 9.93
CA TYR E 139 -23.12 -17.89 8.67
C TYR E 139 -22.79 -18.75 7.48
N ALA E 140 -23.65 -18.69 6.49
CA ALA E 140 -23.38 -19.31 5.21
C ALA E 140 -22.58 -18.30 4.39
N SER E 141 -21.59 -18.80 3.65
CA SER E 141 -20.83 -17.99 2.73
C SER E 141 -21.10 -18.46 1.31
N PRO E 142 -21.05 -17.54 0.34
CA PRO E 142 -21.17 -17.83 -1.09
C PRO E 142 -20.25 -18.95 -1.62
N ARG E 143 -19.00 -19.01 -1.15
CA ARG E 143 -18.07 -20.05 -1.62
C ARG E 143 -18.30 -21.45 -1.00
N ASP E 144 -19.10 -21.53 0.09
CA ASP E 144 -19.40 -22.84 0.71
C ASP E 144 -19.77 -23.95 -0.30
N ALA E 145 -20.59 -23.61 -1.30
CA ALA E 145 -21.07 -24.59 -2.30
C ALA E 145 -19.99 -25.00 -3.30
N TRP E 146 -18.82 -24.35 -3.19
CA TRP E 146 -17.71 -24.57 -4.13
C TRP E 146 -16.47 -25.10 -3.45
N LEU E 147 -16.52 -25.18 -2.12
CA LEU E 147 -15.48 -25.84 -1.33
C LEU E 147 -15.85 -27.30 -1.04
N TYR E 148 -17.15 -27.61 -1.09
CA TYR E 148 -17.69 -28.89 -0.62
C TYR E 148 -18.64 -29.52 -1.64
N GLU E 149 -18.65 -30.86 -1.66
CA GLU E 149 -19.55 -31.66 -2.52
C GLU E 149 -20.92 -31.95 -1.88
N MET F 1 25.79 -12.37 16.12
CA MET F 1 24.68 -13.17 15.49
C MET F 1 25.13 -13.81 14.17
N GLU F 2 24.73 -15.07 13.97
CA GLU F 2 25.19 -15.89 12.83
C GLU F 2 24.91 -15.16 11.49
N ARG F 3 25.90 -15.19 10.61
CA ARG F 3 25.79 -14.52 9.32
C ARG F 3 26.00 -15.50 8.19
N THR F 4 25.28 -15.30 7.08
CA THR F 4 25.49 -16.10 5.89
C THR F 4 25.60 -15.27 4.62
N PHE F 5 26.08 -15.88 3.53
CA PHE F 5 26.19 -15.19 2.26
C PHE F 5 25.12 -15.69 1.31
N LEU F 6 24.28 -14.76 0.86
CA LEU F 6 23.27 -15.04 -0.16
C LEU F 6 23.57 -14.25 -1.41
N MET F 7 23.25 -14.85 -2.55
CA MET F 7 23.45 -14.23 -3.85
C MET F 7 22.25 -14.46 -4.77
N ILE F 8 21.56 -13.38 -5.13
CA ILE F 8 20.52 -13.41 -6.16
C ILE F 8 21.25 -13.45 -7.49
N LYS F 9 21.12 -14.58 -8.19
CA LYS F 9 21.90 -14.88 -9.40
C LYS F 9 21.36 -14.12 -10.60
N PRO F 10 22.12 -14.09 -11.72
CA PRO F 10 21.73 -13.27 -12.87
C PRO F 10 20.41 -13.66 -13.54
N ASP F 11 19.97 -14.93 -13.44
CA ASP F 11 18.60 -15.27 -13.89
C ASP F 11 17.49 -14.46 -13.16
N ALA F 12 17.52 -14.46 -11.82
CA ALA F 12 16.55 -13.71 -11.03
C ALA F 12 16.59 -12.24 -11.35
N VAL F 13 17.82 -11.71 -11.48
CA VAL F 13 18.02 -10.30 -11.86
C VAL F 13 17.34 -9.97 -13.19
N GLN F 14 17.62 -10.78 -14.22
CA GLN F 14 17.09 -10.55 -15.59
C GLN F 14 15.62 -10.90 -15.73
N ARG F 15 15.09 -11.62 -14.75
CA ARG F 15 13.66 -11.87 -14.71
C ARG F 15 12.97 -10.91 -13.76
N ASN F 16 13.71 -9.91 -13.26
CA ASN F 16 13.14 -8.84 -12.47
C ASN F 16 12.52 -9.33 -11.18
N LEU F 17 13.21 -10.27 -10.55
CA LEU F 17 12.75 -10.91 -9.34
C LEU F 17 13.50 -10.47 -8.08
N ILE F 18 14.28 -9.41 -8.16
CA ILE F 18 15.04 -8.98 -6.99
C ILE F 18 14.15 -8.70 -5.76
N GLY F 19 13.13 -7.88 -5.95
CA GLY F 19 12.22 -7.46 -4.86
C GLY F 19 11.59 -8.69 -4.25
N GLU F 20 11.08 -9.56 -5.12
CA GLU F 20 10.37 -10.76 -4.71
C GLU F 20 11.25 -11.63 -3.86
N VAL F 21 12.46 -11.88 -4.35
CA VAL F 21 13.37 -12.72 -3.59
C VAL F 21 13.71 -12.05 -2.27
N ILE F 22 14.08 -10.75 -2.29
CA ILE F 22 14.45 -10.05 -1.04
C ILE F 22 13.33 -10.14 0.00
N SER F 23 12.09 -9.90 -0.46
CA SER F 23 10.89 -10.03 0.40
C SER F 23 10.84 -11.36 1.17
N ARG F 24 11.12 -12.47 0.47
CA ARG F 24 11.05 -13.78 1.07
C ARG F 24 12.11 -13.93 2.18
N ILE F 25 13.25 -13.31 2.01
CA ILE F 25 14.26 -13.35 3.03
C ILE F 25 13.77 -12.50 4.19
N GLU F 26 13.41 -11.24 3.95
CA GLU F 26 12.97 -10.32 5.00
C GLU F 26 11.83 -10.88 5.83
N ARG F 27 10.77 -11.35 5.17
CA ARG F 27 9.60 -11.81 5.90
C ARG F 27 9.92 -13.03 6.81
N LYS F 28 11.04 -13.71 6.56
CA LYS F 28 11.39 -14.90 7.33
C LYS F 28 12.04 -14.48 8.64
N GLY F 29 12.34 -13.19 8.77
CA GLY F 29 12.90 -12.67 9.99
C GLY F 29 14.40 -12.51 9.93
N LEU F 30 14.99 -12.74 8.76
CA LEU F 30 16.44 -12.57 8.61
C LEU F 30 16.74 -11.12 8.37
N LYS F 31 17.88 -10.67 8.85
CA LYS F 31 18.25 -9.27 8.73
C LYS F 31 19.28 -9.04 7.61
N LEU F 32 18.92 -8.21 6.61
CA LEU F 32 19.85 -7.77 5.57
C LEU F 32 20.90 -6.82 6.16
N VAL F 33 22.13 -7.27 6.14
CA VAL F 33 23.18 -6.60 6.88
C VAL F 33 24.24 -6.10 5.88
N GLY F 34 24.26 -6.73 4.71
CA GLY F 34 25.08 -6.31 3.60
C GLY F 34 24.37 -6.63 2.29
N GLY F 35 24.53 -5.76 1.28
CA GLY F 35 23.82 -5.94 0.03
C GLY F 35 24.30 -4.98 -1.01
N LYS F 36 24.73 -5.51 -2.17
CA LYS F 36 25.19 -4.70 -3.28
C LYS F 36 24.86 -5.35 -4.61
N LEU F 37 24.31 -4.55 -5.52
CA LEU F 37 24.21 -4.97 -6.91
C LEU F 37 25.58 -4.79 -7.58
N MET F 38 26.10 -5.86 -8.20
CA MET F 38 27.46 -5.81 -8.76
C MET F 38 27.65 -6.78 -9.91
N GLN F 39 28.47 -6.37 -10.87
CA GLN F 39 28.93 -7.25 -11.95
C GLN F 39 30.04 -8.13 -11.36
N VAL F 40 29.97 -9.43 -11.59
CA VAL F 40 30.96 -10.32 -11.02
C VAL F 40 32.17 -10.45 -11.95
N PRO F 41 33.36 -10.04 -11.48
CA PRO F 41 34.57 -10.25 -12.27
C PRO F 41 34.99 -11.71 -12.30
N MET F 42 35.55 -12.12 -13.45
CA MET F 42 36.02 -13.50 -13.69
C MET F 42 36.84 -14.00 -12.52
N GLU F 43 37.72 -13.11 -12.05
CA GLU F 43 38.58 -13.26 -10.87
C GLU F 43 37.84 -13.73 -9.60
N LEU F 44 36.63 -13.22 -9.41
CA LEU F 44 35.82 -13.57 -8.25
C LEU F 44 34.89 -14.76 -8.52
N ALA F 45 34.40 -14.86 -9.75
CA ALA F 45 33.61 -16.01 -10.16
C ALA F 45 34.37 -17.32 -9.92
N GLU F 46 35.60 -17.36 -10.41
CA GLU F 46 36.40 -18.58 -10.41
C GLU F 46 36.91 -18.99 -9.03
N THR F 47 37.19 -18.02 -8.16
CA THR F 47 37.57 -18.42 -6.80
C THR F 47 36.36 -18.80 -5.93
N HIS F 48 35.19 -18.24 -6.23
CA HIS F 48 33.95 -18.59 -5.55
C HIS F 48 33.51 -20.02 -5.89
N TYR F 49 33.67 -20.41 -7.16
CA TYR F 49 33.22 -21.70 -7.63
C TYR F 49 34.40 -22.63 -7.90
N GLY F 50 35.51 -22.40 -7.21
CA GLY F 50 36.75 -23.17 -7.38
C GLY F 50 36.63 -24.65 -7.11
N GLU F 51 35.75 -25.01 -6.17
CA GLU F 51 35.50 -26.40 -5.79
C GLU F 51 34.86 -27.23 -6.91
N HIS F 52 34.50 -26.59 -8.02
CA HIS F 52 33.81 -27.25 -9.13
C HIS F 52 34.65 -27.29 -10.42
N GLN F 53 35.90 -26.84 -10.33
CA GLN F 53 36.78 -26.67 -11.50
C GLN F 53 36.82 -27.80 -12.57
N GLY F 54 36.67 -29.06 -12.16
CA GLY F 54 36.77 -30.17 -13.12
C GLY F 54 35.44 -30.51 -13.75
N LYS F 55 34.40 -30.29 -12.97
CA LYS F 55 33.06 -30.74 -13.31
C LYS F 55 32.55 -30.23 -14.69
N PRO F 56 31.60 -30.97 -15.28
CA PRO F 56 30.93 -30.65 -16.57
C PRO F 56 30.34 -29.26 -16.68
N PHE F 57 29.55 -28.85 -15.69
CA PHE F 57 28.85 -27.56 -15.72
C PHE F 57 29.75 -26.37 -15.40
N TYR F 58 31.02 -26.61 -15.07
CA TYR F 58 31.87 -25.52 -14.58
C TYR F 58 31.98 -24.32 -15.51
N ASN F 59 32.37 -24.55 -16.77
CA ASN F 59 32.47 -23.47 -17.76
C ASN F 59 31.16 -22.71 -17.97
N ASP F 60 30.07 -23.45 -18.04
CA ASP F 60 28.74 -22.87 -18.15
C ASP F 60 28.38 -22.05 -16.90
N LEU F 61 28.90 -22.47 -15.73
CA LEU F 61 28.62 -21.81 -14.45
C LEU F 61 29.29 -20.44 -14.39
N ILE F 62 30.56 -20.41 -14.75
CA ILE F 62 31.35 -19.18 -14.83
C ILE F 62 30.80 -18.20 -15.86
N SER F 63 30.45 -18.70 -17.04
CA SER F 63 29.75 -17.90 -18.03
C SER F 63 28.48 -17.25 -17.50
N PHE F 64 27.68 -18.04 -16.77
CA PHE F 64 26.35 -17.62 -16.37
C PHE F 64 26.43 -16.57 -15.30
N ILE F 65 27.32 -16.79 -14.31
CA ILE F 65 27.44 -15.87 -13.17
C ILE F 65 28.06 -14.54 -13.57
N THR F 66 28.77 -14.54 -14.69
CA THR F 66 29.39 -13.30 -15.18
C THR F 66 28.57 -12.59 -16.27
N SER F 67 27.42 -13.17 -16.63
CA SER F 67 26.65 -12.73 -17.80
C SER F 67 25.76 -11.50 -17.53
N ALA F 68 25.57 -11.19 -16.26
CA ALA F 68 24.79 -10.02 -15.87
C ALA F 68 24.95 -9.80 -14.37
N PRO F 69 24.53 -8.63 -13.86
CA PRO F 69 24.79 -8.33 -12.44
C PRO F 69 24.20 -9.34 -11.45
N VAL F 70 24.75 -9.42 -10.24
CA VAL F 70 24.12 -10.21 -9.19
C VAL F 70 23.76 -9.26 -8.05
N PHE F 71 22.95 -9.74 -7.11
CA PHE F 71 22.77 -9.04 -5.86
C PHE F 71 23.37 -9.85 -4.73
N ALA F 72 24.56 -9.46 -4.28
CA ALA F 72 25.22 -10.17 -3.22
C ALA F 72 24.77 -9.63 -1.89
N MET F 73 24.48 -10.52 -0.95
CA MET F 73 23.95 -10.15 0.35
C MET F 73 24.71 -10.81 1.53
N VAL F 74 24.76 -10.12 2.66
CA VAL F 74 25.07 -10.75 3.93
C VAL F 74 23.83 -10.68 4.81
N VAL F 75 23.45 -11.83 5.32
CA VAL F 75 22.16 -11.93 6.01
C VAL F 75 22.45 -12.43 7.43
N GLU F 76 21.86 -11.77 8.41
CA GLU F 76 22.14 -12.04 9.81
C GLU F 76 20.90 -12.62 10.49
N GLY F 77 21.09 -13.68 11.28
CA GLY F 77 20.00 -14.22 12.08
C GLY F 77 20.43 -15.43 12.88
N GLU F 78 19.66 -15.83 13.87
CA GLU F 78 19.89 -17.08 14.56
C GLU F 78 19.77 -18.24 13.56
N ASP F 79 20.80 -19.08 13.51
CA ASP F 79 20.85 -20.21 12.61
C ASP F 79 20.70 -19.79 11.13
N ALA F 80 21.06 -18.55 10.83
CA ALA F 80 20.91 -17.96 9.49
C ALA F 80 21.30 -18.90 8.35
N VAL F 81 22.37 -19.66 8.53
CA VAL F 81 22.88 -20.46 7.45
C VAL F 81 21.84 -21.52 7.08
N ASN F 82 21.33 -22.23 8.07
CA ASN F 82 20.35 -23.27 7.80
C ASN F 82 18.96 -22.76 7.49
N VAL F 83 18.56 -21.66 8.13
CA VAL F 83 17.30 -20.98 7.86
C VAL F 83 17.24 -20.52 6.40
N SER F 84 18.30 -19.85 5.94
CA SER F 84 18.37 -19.40 4.57
C SER F 84 18.30 -20.56 3.61
N ARG F 85 19.06 -21.61 3.85
CA ARG F 85 19.00 -22.78 3.00
C ARG F 85 17.62 -23.46 2.99
N HIS F 86 16.92 -23.36 4.12
CA HIS F 86 15.58 -23.91 4.25
C HIS F 86 14.55 -23.21 3.33
N ILE F 87 14.54 -21.87 3.34
CA ILE F 87 13.60 -21.12 2.50
C ILE F 87 14.05 -21.03 1.04
N ILE F 88 15.35 -21.18 0.80
CA ILE F 88 15.86 -21.25 -0.58
C ILE F 88 15.41 -22.55 -1.28
N GLY F 89 15.50 -23.69 -0.59
CA GLY F 89 15.12 -24.99 -1.15
C GLY F 89 16.23 -25.77 -1.83
N SER F 90 15.95 -27.04 -2.10
CA SER F 90 16.89 -27.97 -2.74
C SER F 90 17.55 -27.34 -3.95
N THR F 91 18.74 -27.83 -4.28
CA THR F 91 19.50 -27.32 -5.42
C THR F 91 18.67 -27.36 -6.69
N ASN F 92 18.05 -28.51 -6.96
CA ASN F 92 17.19 -28.68 -8.15
C ASN F 92 15.78 -28.17 -7.86
N PRO F 93 15.37 -27.06 -8.53
CA PRO F 93 14.05 -26.45 -8.27
C PRO F 93 12.85 -27.40 -8.31
N SER F 94 12.98 -28.57 -8.95
CA SER F 94 11.83 -29.46 -9.04
C SER F 94 11.80 -30.40 -7.85
N GLU F 95 12.87 -30.41 -7.06
CA GLU F 95 12.90 -31.18 -5.82
C GLU F 95 12.72 -30.22 -4.66
N ALA F 96 12.97 -28.93 -4.89
CA ALA F 96 12.73 -27.91 -3.86
C ALA F 96 11.27 -27.87 -3.50
N SER F 97 10.98 -27.63 -2.24
CA SER F 97 9.60 -27.65 -1.75
C SER F 97 8.81 -26.48 -2.34
N PRO F 98 7.57 -26.74 -2.82
CA PRO F 98 6.78 -25.58 -3.18
C PRO F 98 6.81 -24.61 -2.00
N GLY F 99 6.76 -23.31 -2.28
CA GLY F 99 6.85 -22.32 -1.22
C GLY F 99 8.26 -21.77 -1.01
N SER F 100 9.28 -22.59 -1.30
CA SER F 100 10.66 -22.14 -1.23
C SER F 100 10.95 -21.28 -2.45
N ILE F 101 12.06 -20.53 -2.40
CA ILE F 101 12.42 -19.66 -3.48
C ILE F 101 12.68 -20.44 -4.77
N ARG F 102 13.42 -21.54 -4.68
CA ARG F 102 13.72 -22.35 -5.88
C ARG F 102 12.48 -23.14 -6.26
N GLY F 103 11.75 -23.64 -5.27
CA GLY F 103 10.48 -24.31 -5.53
C GLY F 103 9.44 -23.53 -6.34
N ASP F 104 9.30 -22.23 -6.03
CA ASP F 104 8.31 -21.39 -6.71
C ASP F 104 8.84 -20.72 -7.96
N LEU F 105 10.15 -20.39 -7.96
CA LEU F 105 10.68 -19.49 -8.98
C LEU F 105 11.64 -20.09 -9.98
N GLY F 106 12.31 -21.18 -9.64
CA GLY F 106 13.36 -21.72 -10.49
C GLY F 106 12.77 -22.80 -11.36
N LEU F 107 13.24 -22.92 -12.60
CA LEU F 107 12.87 -24.04 -13.46
C LEU F 107 13.88 -25.18 -13.51
N THR F 108 15.17 -24.84 -13.63
CA THR F 108 16.26 -25.82 -13.81
C THR F 108 17.40 -25.61 -12.81
N VAL F 109 18.13 -26.69 -12.54
CA VAL F 109 19.22 -26.68 -11.57
C VAL F 109 20.31 -25.64 -11.90
N GLY F 110 20.55 -25.40 -13.18
CA GLY F 110 21.53 -24.41 -13.60
C GLY F 110 21.08 -22.97 -13.43
N ARG F 111 19.79 -22.74 -13.62
CA ARG F 111 19.22 -21.39 -13.46
C ARG F 111 18.25 -21.41 -12.27
N ASN F 112 18.79 -21.38 -11.08
CA ASN F 112 17.97 -21.59 -9.91
C ASN F 112 17.94 -20.44 -8.90
N ILE F 113 18.00 -19.20 -9.41
CA ILE F 113 17.60 -17.99 -8.69
C ILE F 113 18.55 -17.43 -7.64
N ILE F 114 18.96 -18.25 -6.69
CA ILE F 114 19.68 -17.74 -5.55
C ILE F 114 20.77 -18.71 -5.07
N HIS F 115 21.84 -18.15 -4.48
CA HIS F 115 22.84 -18.93 -3.74
C HIS F 115 22.80 -18.62 -2.26
N GLY F 116 22.98 -19.67 -1.46
CA GLY F 116 23.24 -19.53 -0.03
C GLY F 116 24.43 -20.40 0.40
N SER F 117 25.27 -19.88 1.28
CA SER F 117 26.36 -20.70 1.85
C SER F 117 25.79 -22.04 2.33
N ASP F 118 26.55 -23.13 2.19
CA ASP F 118 26.01 -24.40 2.59
C ASP F 118 26.41 -24.83 4.01
N SER F 119 27.35 -24.09 4.61
CA SER F 119 27.85 -24.41 5.94
C SER F 119 28.35 -23.14 6.63
N LEU F 120 28.53 -23.23 7.94
CA LEU F 120 29.22 -22.18 8.72
C LEU F 120 30.61 -21.84 8.15
N GLU F 121 31.32 -22.88 7.69
CA GLU F 121 32.63 -22.79 7.04
C GLU F 121 32.63 -21.94 5.77
N SER F 122 31.76 -22.28 4.83
CA SER F 122 31.72 -21.57 3.57
C SER F 122 31.04 -20.21 3.67
N ALA F 123 30.21 -20.03 4.70
CA ALA F 123 29.67 -18.71 5.04
C ALA F 123 30.79 -17.69 5.26
N GLU F 124 31.62 -17.91 6.30
CA GLU F 124 32.74 -17.02 6.57
C GLU F 124 33.65 -16.83 5.37
N ARG F 125 33.88 -17.91 4.64
CA ARG F 125 34.71 -17.86 3.44
C ARG F 125 34.12 -16.94 2.40
N GLU F 126 32.86 -17.18 2.05
CA GLU F 126 32.18 -16.42 1.02
C GLU F 126 31.94 -14.96 1.41
N ILE F 127 31.57 -14.71 2.66
CA ILE F 127 31.44 -13.34 3.15
C ILE F 127 32.73 -12.54 2.97
N ASN F 128 33.87 -13.10 3.41
CA ASN F 128 35.17 -12.44 3.25
C ASN F 128 35.52 -12.15 1.79
N LEU F 129 35.19 -13.11 0.94
CA LEU F 129 35.48 -13.03 -0.48
C LEU F 129 34.70 -11.91 -1.18
N TRP F 130 33.42 -11.77 -0.84
CA TRP F 130 32.53 -10.83 -1.53
C TRP F 130 32.41 -9.47 -0.85
N PHE F 131 32.68 -9.41 0.45
CA PHE F 131 32.45 -8.19 1.24
C PHE F 131 33.65 -7.79 2.10
N ASN F 132 33.81 -6.49 2.28
CA ASN F 132 34.75 -5.99 3.27
C ASN F 132 33.93 -5.59 4.49
N GLU F 133 34.48 -5.68 5.71
CA GLU F 133 33.82 -5.29 6.95
C GLU F 133 33.14 -3.94 6.83
N ASN F 134 33.69 -3.02 6.09
CA ASN F 134 33.15 -1.67 5.99
C ASN F 134 31.94 -1.59 5.08
N GLU F 135 31.65 -2.70 4.39
CA GLU F 135 30.42 -2.83 3.58
C GLU F 135 29.29 -3.57 4.30
N ILE F 136 29.60 -4.11 5.47
CA ILE F 136 28.63 -4.82 6.28
C ILE F 136 28.23 -3.96 7.46
N THR F 137 26.96 -3.63 7.52
CA THR F 137 26.46 -2.78 8.57
C THR F 137 26.11 -3.66 9.76
N SER F 138 25.81 -3.03 10.88
CA SER F 138 25.48 -3.73 12.10
C SER F 138 24.42 -2.89 12.79
N TYR F 139 23.21 -3.40 12.91
CA TYR F 139 22.14 -2.58 13.51
C TYR F 139 21.08 -3.39 14.26
N ALA F 140 20.56 -2.79 15.31
CA ALA F 140 19.42 -3.30 16.00
C ALA F 140 18.16 -2.95 15.21
N SER F 141 17.24 -3.90 15.13
CA SER F 141 15.95 -3.67 14.48
C SER F 141 14.87 -3.81 15.50
N PRO F 142 13.77 -3.05 15.35
CA PRO F 142 12.58 -3.12 16.20
C PRO F 142 11.99 -4.54 16.38
N ARG F 143 11.98 -5.36 15.33
CA ARG F 143 11.47 -6.73 15.46
C ARG F 143 12.41 -7.74 16.19
N ASP F 144 13.67 -7.38 16.40
CA ASP F 144 14.62 -8.30 17.02
C ASP F 144 14.09 -8.91 18.33
N ALA F 145 13.40 -8.10 19.12
CA ALA F 145 12.89 -8.49 20.42
C ALA F 145 11.69 -9.43 20.31
N TRP F 146 11.20 -9.59 19.08
CA TRP F 146 10.00 -10.39 18.81
C TRP F 146 10.30 -11.63 17.95
N LEU F 147 11.52 -11.73 17.47
CA LEU F 147 11.99 -12.91 16.77
C LEU F 147 12.69 -13.86 17.73
N TYR F 148 13.18 -13.31 18.86
CA TYR F 148 14.05 -14.05 19.79
C TYR F 148 13.62 -13.91 21.24
N GLU F 149 13.90 -14.96 22.06
CA GLU F 149 13.61 -15.03 23.48
C GLU F 149 14.80 -14.54 24.31
N MET G 1 9.58 -28.28 -27.20
CA MET G 1 9.62 -28.21 -25.72
C MET G 1 8.38 -28.88 -25.12
N GLU G 2 8.58 -29.67 -24.07
CA GLU G 2 7.52 -30.45 -23.41
C GLU G 2 6.30 -29.61 -23.09
N ARG G 3 5.12 -30.18 -23.33
CA ARG G 3 3.86 -29.50 -23.13
C ARG G 3 2.93 -30.33 -22.24
N THR G 4 2.16 -29.65 -21.39
CA THR G 4 1.17 -30.34 -20.58
C THR G 4 -0.18 -29.63 -20.60
N PHE G 5 -1.23 -30.36 -20.22
CA PHE G 5 -2.56 -29.78 -20.11
C PHE G 5 -2.89 -29.47 -18.67
N LEU G 6 -3.22 -28.21 -18.42
CA LEU G 6 -3.68 -27.77 -17.10
C LEU G 6 -5.11 -27.26 -17.21
N MET G 7 -5.88 -27.38 -16.13
CA MET G 7 -7.26 -26.91 -16.13
C MET G 7 -7.63 -26.27 -14.81
N ILE G 8 -7.90 -24.98 -14.80
CA ILE G 8 -8.46 -24.34 -13.60
C ILE G 8 -9.93 -24.72 -13.49
N LYS G 9 -10.26 -25.48 -12.46
CA LYS G 9 -11.57 -26.09 -12.34
C LYS G 9 -12.64 -25.10 -11.89
N PRO G 10 -13.93 -25.51 -11.92
CA PRO G 10 -14.97 -24.50 -11.68
C PRO G 10 -15.03 -23.97 -10.27
N ASP G 11 -14.46 -24.67 -9.31
CA ASP G 11 -14.30 -24.09 -7.96
C ASP G 11 -13.42 -22.84 -7.98
N ALA G 12 -12.21 -22.95 -8.51
CA ALA G 12 -11.29 -21.79 -8.62
C ALA G 12 -11.95 -20.63 -9.31
N VAL G 13 -12.57 -20.89 -10.47
CA VAL G 13 -13.31 -19.89 -11.23
C VAL G 13 -14.35 -19.21 -10.33
N GLN G 14 -15.16 -19.99 -9.64
CA GLN G 14 -16.26 -19.41 -8.87
C GLN G 14 -15.82 -18.77 -7.59
N ARG G 15 -14.57 -19.01 -7.20
CA ARG G 15 -13.98 -18.31 -6.04
C ARG G 15 -13.08 -17.21 -6.53
N ASN G 16 -13.12 -16.94 -7.84
CA ASN G 16 -12.39 -15.80 -8.42
C ASN G 16 -10.89 -15.93 -8.25
N LEU G 17 -10.36 -17.12 -8.47
CA LEU G 17 -8.93 -17.40 -8.26
C LEU G 17 -8.15 -17.62 -9.54
N ILE G 18 -8.67 -17.21 -10.68
CA ILE G 18 -8.05 -17.53 -11.96
C ILE G 18 -6.69 -16.85 -12.06
N GLY G 19 -6.62 -15.56 -11.69
CA GLY G 19 -5.37 -14.76 -11.74
C GLY G 19 -4.33 -15.32 -10.82
N GLU G 20 -4.74 -15.54 -9.59
CA GLU G 20 -3.89 -16.13 -8.57
C GLU G 20 -3.26 -17.40 -9.11
N VAL G 21 -4.08 -18.35 -9.60
CA VAL G 21 -3.57 -19.63 -10.09
C VAL G 21 -2.64 -19.44 -11.30
N ILE G 22 -3.06 -18.64 -12.28
CA ILE G 22 -2.22 -18.37 -13.45
C ILE G 22 -0.87 -17.81 -13.00
N SER G 23 -0.89 -16.86 -12.06
CA SER G 23 0.38 -16.27 -11.53
C SER G 23 1.41 -17.30 -11.06
N ARG G 24 0.92 -18.27 -10.27
CA ARG G 24 1.77 -19.34 -9.74
C ARG G 24 2.37 -20.19 -10.86
N ILE G 25 1.62 -20.38 -11.96
CA ILE G 25 2.16 -21.09 -13.10
C ILE G 25 3.24 -20.23 -13.79
N GLU G 26 2.93 -18.95 -14.06
CA GLU G 26 3.83 -18.08 -14.77
C GLU G 26 5.13 -17.91 -14.00
N ARG G 27 5.03 -17.53 -12.73
CA ARG G 27 6.25 -17.22 -11.94
C ARG G 27 7.19 -18.46 -11.83
N LYS G 28 6.65 -19.65 -12.10
CA LYS G 28 7.44 -20.88 -12.02
C LYS G 28 8.35 -21.01 -13.23
N GLY G 29 8.10 -20.18 -14.23
CA GLY G 29 8.87 -20.20 -15.47
C GLY G 29 8.22 -21.01 -16.58
N LEU G 30 7.00 -21.49 -16.34
CA LEU G 30 6.28 -22.21 -17.37
C LEU G 30 5.63 -21.22 -18.32
N LYS G 31 5.47 -21.60 -19.57
CA LYS G 31 4.99 -20.68 -20.58
C LYS G 31 3.55 -21.05 -20.99
N LEU G 32 2.66 -20.09 -20.88
CA LEU G 32 1.28 -20.23 -21.33
C LEU G 32 1.25 -20.18 -22.86
N VAL G 33 0.81 -21.26 -23.45
CA VAL G 33 0.94 -21.45 -24.87
C VAL G 33 -0.42 -21.66 -25.54
N GLY G 34 -1.39 -22.07 -24.71
CA GLY G 34 -2.79 -22.09 -25.06
C GLY G 34 -3.58 -21.89 -23.80
N GLY G 35 -4.74 -21.22 -23.93
CA GLY G 35 -5.59 -20.89 -22.80
C GLY G 35 -6.95 -20.35 -23.23
N LYS G 36 -8.03 -21.01 -22.83
CA LYS G 36 -9.37 -20.53 -23.12
C LYS G 36 -10.34 -20.75 -21.96
N LEU G 37 -11.14 -19.73 -21.66
CA LEU G 37 -12.25 -19.90 -20.72
C LEU G 37 -13.39 -20.49 -21.52
N MET G 38 -13.91 -21.62 -21.05
CA MET G 38 -14.91 -22.39 -21.76
C MET G 38 -15.84 -23.17 -20.84
N GLN G 39 -17.11 -23.27 -21.25
CA GLN G 39 -18.06 -24.18 -20.62
C GLN G 39 -17.77 -25.59 -21.14
N VAL G 40 -17.66 -26.57 -20.24
CA VAL G 40 -17.36 -27.95 -20.63
C VAL G 40 -18.61 -28.72 -21.05
N PRO G 41 -18.71 -29.13 -22.32
CA PRO G 41 -19.82 -29.99 -22.73
C PRO G 41 -19.70 -31.41 -22.16
N MET G 42 -20.86 -32.01 -21.90
CA MET G 42 -20.96 -33.34 -21.29
C MET G 42 -20.06 -34.36 -21.99
N GLU G 43 -20.05 -34.36 -23.33
CA GLU G 43 -19.24 -35.32 -24.06
C GLU G 43 -17.77 -35.13 -23.78
N LEU G 44 -17.32 -33.90 -23.72
CA LEU G 44 -15.94 -33.65 -23.37
C LEU G 44 -15.65 -34.03 -21.92
N ALA G 45 -16.57 -33.73 -21.01
CA ALA G 45 -16.39 -34.08 -19.61
C ALA G 45 -16.18 -35.58 -19.47
N GLU G 46 -17.05 -36.34 -20.12
CA GLU G 46 -17.08 -37.79 -19.96
C GLU G 46 -15.94 -38.54 -20.64
N THR G 47 -15.42 -38.01 -21.74
CA THR G 47 -14.27 -38.66 -22.38
C THR G 47 -12.97 -38.30 -21.66
N HIS G 48 -12.92 -37.12 -21.04
CA HIS G 48 -11.76 -36.66 -20.25
C HIS G 48 -11.60 -37.45 -18.97
N TYR G 49 -12.72 -37.77 -18.33
CA TYR G 49 -12.73 -38.52 -17.09
C TYR G 49 -13.22 -39.96 -17.27
N GLY G 50 -13.07 -40.51 -18.48
CA GLY G 50 -13.56 -41.85 -18.83
C GLY G 50 -12.94 -42.99 -18.02
N GLU G 51 -11.69 -42.78 -17.60
CA GLU G 51 -10.94 -43.74 -16.78
C GLU G 51 -11.52 -43.93 -15.38
N HIS G 52 -12.54 -43.13 -15.04
CA HIS G 52 -13.17 -43.15 -13.72
C HIS G 52 -14.64 -43.62 -13.74
N GLN G 53 -15.12 -44.05 -14.90
CA GLN G 53 -16.54 -44.36 -15.13
C GLN G 53 -17.29 -45.17 -14.06
N GLY G 54 -16.60 -46.10 -13.40
CA GLY G 54 -17.23 -46.95 -12.38
C GLY G 54 -17.21 -46.35 -10.99
N LYS G 55 -16.11 -45.66 -10.70
CA LYS G 55 -15.78 -45.13 -9.37
C LYS G 55 -16.86 -44.22 -8.71
N PRO G 56 -17.08 -44.37 -7.36
CA PRO G 56 -18.10 -43.65 -6.56
C PRO G 56 -18.27 -42.16 -6.92
N PHE G 57 -17.17 -41.43 -7.02
CA PHE G 57 -17.22 -39.99 -7.26
C PHE G 57 -17.52 -39.57 -8.71
N TYR G 58 -17.65 -40.53 -9.61
CA TYR G 58 -17.77 -40.23 -11.05
C TYR G 58 -18.91 -39.25 -11.41
N ASN G 59 -20.14 -39.63 -11.06
CA ASN G 59 -21.28 -38.76 -11.36
C ASN G 59 -21.11 -37.35 -10.78
N ASP G 60 -20.60 -37.28 -9.56
CA ASP G 60 -20.36 -36.01 -8.90
C ASP G 60 -19.26 -35.23 -9.63
N LEU G 61 -18.30 -35.96 -10.20
CA LEU G 61 -17.19 -35.36 -10.95
C LEU G 61 -17.68 -34.68 -12.24
N ILE G 62 -18.52 -35.39 -12.99
CA ILE G 62 -19.08 -34.88 -14.22
C ILE G 62 -20.00 -33.69 -13.96
N SER G 63 -20.84 -33.80 -12.92
CA SER G 63 -21.69 -32.69 -12.50
C SER G 63 -20.86 -31.45 -12.18
N PHE G 64 -19.76 -31.65 -11.46
CA PHE G 64 -18.97 -30.55 -10.97
C PHE G 64 -18.25 -29.87 -12.12
N ILE G 65 -17.65 -30.65 -13.01
CA ILE G 65 -16.82 -30.06 -14.09
C ILE G 65 -17.70 -29.34 -15.13
N THR G 66 -18.98 -29.67 -15.15
CA THR G 66 -19.92 -29.03 -16.09
C THR G 66 -20.72 -27.88 -15.48
N SER G 67 -20.51 -27.65 -14.18
CA SER G 67 -21.38 -26.77 -13.40
C SER G 67 -21.08 -25.27 -13.57
N ALA G 68 -19.92 -24.97 -14.15
CA ALA G 68 -19.51 -23.60 -14.46
C ALA G 68 -18.24 -23.66 -15.32
N PRO G 69 -17.85 -22.53 -15.95
CA PRO G 69 -16.72 -22.57 -16.91
C PRO G 69 -15.39 -23.01 -16.31
N VAL G 70 -14.51 -23.51 -17.15
CA VAL G 70 -13.16 -23.79 -16.70
C VAL G 70 -12.19 -22.93 -17.49
N PHE G 71 -10.95 -22.90 -17.03
CA PHE G 71 -9.89 -22.29 -17.85
C PHE G 71 -8.94 -23.37 -18.23
N ALA G 72 -9.04 -23.83 -19.46
CA ALA G 72 -8.17 -24.85 -19.97
C ALA G 72 -6.89 -24.21 -20.53
N MET G 73 -5.75 -24.82 -20.23
CA MET G 73 -4.44 -24.29 -20.63
C MET G 73 -3.53 -25.36 -21.20
N VAL G 74 -2.71 -24.93 -22.16
CA VAL G 74 -1.53 -25.71 -22.55
C VAL G 74 -0.31 -24.93 -22.10
N VAL G 75 0.51 -25.61 -21.33
CA VAL G 75 1.67 -25.02 -20.70
C VAL G 75 2.93 -25.68 -21.27
N GLU G 76 3.94 -24.85 -21.56
CA GLU G 76 5.15 -25.34 -22.22
C GLU G 76 6.36 -25.06 -21.34
N GLY G 77 7.21 -26.06 -21.17
CA GLY G 77 8.47 -25.90 -20.45
C GLY G 77 9.22 -27.20 -20.31
N GLU G 78 10.49 -27.10 -19.93
CA GLU G 78 11.31 -28.29 -19.73
C GLU G 78 10.71 -29.04 -18.56
N ASP G 79 10.45 -30.32 -18.75
CA ASP G 79 9.84 -31.17 -17.73
C ASP G 79 8.47 -30.63 -17.25
N ALA G 80 7.79 -29.88 -18.13
CA ALA G 80 6.52 -29.22 -17.80
C ALA G 80 5.50 -30.09 -17.08
N VAL G 81 5.40 -31.35 -17.47
CA VAL G 81 4.42 -32.27 -16.88
C VAL G 81 4.67 -32.43 -15.39
N ASN G 82 5.90 -32.80 -15.03
CA ASN G 82 6.26 -32.98 -13.63
C ASN G 82 6.37 -31.68 -12.84
N VAL G 83 6.90 -30.65 -13.47
CA VAL G 83 7.01 -29.33 -12.86
C VAL G 83 5.62 -28.83 -12.42
N SER G 84 4.68 -28.84 -13.35
CA SER G 84 3.30 -28.49 -13.09
C SER G 84 2.69 -29.29 -11.96
N ARG G 85 2.90 -30.61 -11.97
CA ARG G 85 2.34 -31.45 -10.92
C ARG G 85 2.98 -31.17 -9.56
N HIS G 86 4.24 -30.75 -9.61
CA HIS G 86 4.99 -30.39 -8.41
C HIS G 86 4.41 -29.12 -7.73
N ILE G 87 4.12 -28.07 -8.51
CA ILE G 87 3.56 -26.83 -7.95
C ILE G 87 2.05 -26.93 -7.72
N ILE G 88 1.40 -27.88 -8.38
CA ILE G 88 -0.02 -28.15 -8.13
C ILE G 88 -0.20 -28.83 -6.76
N GLY G 89 0.59 -29.87 -6.50
CA GLY G 89 0.52 -30.58 -5.23
C GLY G 89 -0.33 -31.84 -5.31
N SER G 90 -0.21 -32.68 -4.28
CA SER G 90 -0.98 -33.92 -4.14
C SER G 90 -2.45 -33.71 -4.39
N THR G 91 -3.12 -34.79 -4.80
CA THR G 91 -4.52 -34.77 -5.15
C THR G 91 -5.38 -34.23 -4.01
N ASN G 92 -5.15 -34.71 -2.80
CA ASN G 92 -5.85 -34.24 -1.63
C ASN G 92 -5.17 -32.96 -1.07
N PRO G 93 -5.86 -31.82 -1.09
CA PRO G 93 -5.26 -30.56 -0.64
C PRO G 93 -4.64 -30.56 0.77
N SER G 94 -5.01 -31.53 1.61
CA SER G 94 -4.47 -31.59 2.96
C SER G 94 -3.23 -32.45 3.04
N GLU G 95 -2.90 -33.13 1.95
CA GLU G 95 -1.63 -33.83 1.82
C GLU G 95 -0.69 -33.05 0.91
N ALA G 96 -1.25 -32.17 0.07
CA ALA G 96 -0.50 -31.24 -0.76
C ALA G 96 0.35 -30.30 0.09
N SER G 97 1.57 -30.04 -0.36
CA SER G 97 2.53 -29.26 0.41
C SER G 97 2.06 -27.82 0.55
N PRO G 98 2.14 -27.28 1.76
CA PRO G 98 1.90 -25.85 1.80
C PRO G 98 2.75 -25.18 0.72
N GLY G 99 2.23 -24.11 0.14
CA GLY G 99 2.93 -23.41 -0.91
C GLY G 99 2.60 -23.87 -2.29
N SER G 100 2.16 -25.13 -2.45
CA SER G 100 1.56 -25.59 -3.71
C SER G 100 0.16 -24.98 -3.87
N ILE G 101 -0.35 -25.00 -5.10
CA ILE G 101 -1.69 -24.48 -5.39
C ILE G 101 -2.77 -25.20 -4.58
N ARG G 102 -2.77 -26.52 -4.59
CA ARG G 102 -3.78 -27.26 -3.84
C ARG G 102 -3.52 -27.07 -2.33
N GLY G 103 -2.24 -27.11 -1.94
CA GLY G 103 -1.82 -26.91 -0.56
C GLY G 103 -2.34 -25.62 0.05
N ASP G 104 -2.33 -24.53 -0.71
CA ASP G 104 -2.75 -23.20 -0.24
C ASP G 104 -4.21 -22.88 -0.43
N LEU G 105 -4.81 -23.38 -1.52
CA LEU G 105 -6.11 -22.92 -2.00
C LEU G 105 -7.22 -23.94 -1.91
N GLY G 106 -6.91 -25.23 -1.98
CA GLY G 106 -7.95 -26.27 -1.97
C GLY G 106 -8.33 -26.70 -0.57
N LEU G 107 -9.61 -27.06 -0.35
CA LEU G 107 -10.00 -27.63 0.94
C LEU G 107 -10.21 -29.15 0.89
N THR G 108 -10.79 -29.66 -0.18
CA THR G 108 -11.23 -31.06 -0.25
C THR G 108 -10.84 -31.64 -1.59
N VAL G 109 -10.66 -32.96 -1.60
CA VAL G 109 -10.15 -33.66 -2.77
C VAL G 109 -11.06 -33.48 -3.99
N GLY G 110 -12.35 -33.27 -3.71
CA GLY G 110 -13.31 -33.10 -4.78
C GLY G 110 -13.27 -31.73 -5.42
N ARG G 111 -12.98 -30.73 -4.59
CA ARG G 111 -12.92 -29.34 -5.04
C ARG G 111 -11.50 -28.83 -4.81
N ASN G 112 -10.62 -29.22 -5.71
CA ASN G 112 -9.20 -29.00 -5.54
C ASN G 112 -8.55 -28.15 -6.64
N ILE G 113 -9.31 -27.19 -7.17
CA ILE G 113 -8.75 -26.01 -7.83
C ILE G 113 -8.26 -26.21 -9.25
N ILE G 114 -7.40 -27.21 -9.49
CA ILE G 114 -6.67 -27.31 -10.76
C ILE G 114 -6.43 -28.75 -11.19
N HIS G 115 -6.34 -28.98 -12.50
CA HIS G 115 -5.96 -30.28 -13.05
C HIS G 115 -4.67 -30.12 -13.83
N GLY G 116 -3.82 -31.16 -13.74
CA GLY G 116 -2.65 -31.26 -14.58
C GLY G 116 -2.54 -32.66 -15.08
N SER G 117 -2.04 -32.84 -16.31
CA SER G 117 -1.84 -34.18 -16.86
C SER G 117 -0.89 -34.92 -15.94
N ASP G 118 -1.11 -36.21 -15.73
CA ASP G 118 -0.28 -36.94 -14.79
C ASP G 118 0.93 -37.63 -15.43
N SER G 119 0.98 -37.65 -16.76
CA SER G 119 2.08 -38.29 -17.47
C SER G 119 2.27 -37.63 -18.83
N LEU G 120 3.40 -37.92 -19.48
CA LEU G 120 3.64 -37.49 -20.86
C LEU G 120 2.54 -38.01 -21.78
N GLU G 121 2.01 -39.16 -21.40
CA GLU G 121 1.07 -39.90 -22.24
C GLU G 121 -0.32 -39.26 -22.21
N SER G 122 -0.78 -38.98 -21.00
CA SER G 122 -2.07 -38.31 -20.87
C SER G 122 -2.01 -36.82 -21.22
N ALA G 123 -0.81 -36.24 -21.17
CA ALA G 123 -0.58 -34.87 -21.64
C ALA G 123 -1.00 -34.74 -23.11
N GLU G 124 -0.40 -35.57 -23.96
CA GLU G 124 -0.69 -35.53 -25.40
C GLU G 124 -2.14 -35.88 -25.75
N ARG G 125 -2.70 -36.78 -24.95
CA ARG G 125 -4.08 -37.13 -25.05
C ARG G 125 -4.98 -35.94 -24.71
N GLU G 126 -4.77 -35.35 -23.54
CA GLU G 126 -5.61 -34.28 -23.04
C GLU G 126 -5.51 -33.02 -23.88
N ILE G 127 -4.29 -32.69 -24.30
CA ILE G 127 -4.07 -31.55 -25.20
C ILE G 127 -4.87 -31.69 -26.49
N ASN G 128 -4.80 -32.87 -27.13
CA ASN G 128 -5.54 -33.11 -28.37
C ASN G 128 -7.04 -32.98 -28.15
N LEU G 129 -7.50 -33.46 -27.00
CA LEU G 129 -8.91 -33.51 -26.66
C LEU G 129 -9.51 -32.12 -26.46
N TRP G 130 -8.76 -31.24 -25.80
CA TRP G 130 -9.27 -29.93 -25.44
C TRP G 130 -8.91 -28.83 -26.43
N PHE G 131 -7.81 -29.01 -27.18
CA PHE G 131 -7.29 -27.97 -28.07
C PHE G 131 -7.07 -28.47 -29.49
N ASN G 132 -7.26 -27.56 -30.46
CA ASN G 132 -6.74 -27.75 -31.81
C ASN G 132 -5.40 -27.04 -31.99
N GLU G 133 -4.51 -27.54 -32.84
CA GLU G 133 -3.22 -26.93 -33.10
C GLU G 133 -3.36 -25.42 -33.29
N ASN G 134 -4.41 -24.96 -33.90
CA ASN G 134 -4.56 -23.56 -34.27
C ASN G 134 -4.90 -22.67 -33.08
N GLU G 135 -5.22 -23.29 -31.95
CA GLU G 135 -5.48 -22.57 -30.70
C GLU G 135 -4.23 -22.55 -29.81
N ILE G 136 -3.19 -23.27 -30.23
CA ILE G 136 -1.96 -23.33 -29.48
C ILE G 136 -0.91 -22.49 -30.18
N THR G 137 -0.42 -21.49 -29.48
CA THR G 137 0.48 -20.55 -30.09
C THR G 137 1.86 -21.07 -29.77
N SER G 138 2.86 -20.47 -30.40
CA SER G 138 4.22 -20.92 -30.30
C SER G 138 5.09 -19.67 -30.34
N TYR G 139 5.74 -19.34 -29.24
CA TYR G 139 6.52 -18.12 -29.22
C TYR G 139 7.75 -18.16 -28.36
N ALA G 140 8.75 -17.36 -28.73
CA ALA G 140 9.93 -17.18 -27.91
C ALA G 140 9.56 -16.12 -26.90
N SER G 141 10.03 -16.29 -25.67
CA SER G 141 9.88 -15.29 -24.63
C SER G 141 11.26 -14.78 -24.24
N PRO G 142 11.35 -13.51 -23.83
CA PRO G 142 12.60 -12.91 -23.32
C PRO G 142 13.29 -13.71 -22.21
N ARG G 143 12.52 -14.31 -21.30
CA ARG G 143 13.10 -15.03 -20.16
C ARG G 143 13.63 -16.43 -20.52
N ASP G 144 13.24 -16.95 -21.69
CA ASP G 144 13.67 -18.29 -22.11
C ASP G 144 15.17 -18.53 -21.99
N ALA G 145 15.98 -17.52 -22.33
CA ALA G 145 17.45 -17.60 -22.22
C ALA G 145 17.98 -17.62 -20.78
N TRP G 146 17.09 -17.36 -19.81
CA TRP G 146 17.46 -17.24 -18.40
C TRP G 146 16.82 -18.34 -17.55
N LEU G 147 15.94 -19.12 -18.17
CA LEU G 147 15.39 -20.32 -17.54
C LEU G 147 16.19 -21.58 -17.89
N TYR G 148 16.92 -21.51 -19.00
CA TYR G 148 17.59 -22.69 -19.57
C TYR G 148 19.04 -22.40 -19.93
N GLU G 149 19.89 -23.46 -19.89
CA GLU G 149 21.31 -23.42 -20.23
C GLU G 149 21.55 -23.75 -21.70
N MET H 1 -15.32 23.00 8.14
CA MET H 1 -16.49 23.87 7.80
C MET H 1 -17.21 23.37 6.54
N GLU H 2 -18.53 23.38 6.59
CA GLU H 2 -19.38 22.87 5.52
C GLU H 2 -18.98 23.45 4.17
N ARG H 3 -18.91 22.58 3.16
CA ARG H 3 -18.50 22.92 1.81
C ARG H 3 -19.56 22.53 0.80
N THR H 4 -19.75 23.35 -0.23
CA THR H 4 -20.65 22.99 -1.33
C THR H 4 -20.01 23.21 -2.70
N PHE H 5 -20.61 22.61 -3.73
CA PHE H 5 -20.17 22.83 -5.12
C PHE H 5 -21.08 23.79 -5.85
N LEU H 6 -20.49 24.83 -6.39
CA LEU H 6 -21.20 25.83 -7.19
C LEU H 6 -20.63 25.85 -8.60
N MET H 7 -21.45 26.19 -9.58
CA MET H 7 -21.02 26.22 -10.96
C MET H 7 -21.65 27.37 -11.68
N ILE H 8 -20.83 28.32 -12.14
CA ILE H 8 -21.31 29.38 -13.03
C ILE H 8 -21.42 28.79 -14.44
N LYS H 9 -22.67 28.67 -14.91
CA LYS H 9 -22.98 27.94 -16.15
C LYS H 9 -22.55 28.72 -17.38
N PRO H 10 -22.52 28.07 -18.56
CA PRO H 10 -22.01 28.77 -19.74
C PRO H 10 -22.82 30.02 -20.15
N ASP H 11 -24.11 30.08 -19.82
CA ASP H 11 -24.85 31.32 -20.09
C ASP H 11 -24.22 32.51 -19.36
N ALA H 12 -24.03 32.37 -18.04
CA ALA H 12 -23.41 33.45 -17.26
C ALA H 12 -22.07 33.85 -17.83
N VAL H 13 -21.25 32.85 -18.15
CA VAL H 13 -19.94 33.08 -18.78
C VAL H 13 -20.07 33.90 -20.07
N GLN H 14 -20.98 33.47 -20.94
CA GLN H 14 -21.11 34.08 -22.28
C GLN H 14 -21.82 35.41 -22.23
N ARG H 15 -22.48 35.69 -21.12
CA ARG H 15 -23.08 37.01 -20.86
C ARG H 15 -22.15 37.88 -20.02
N ASN H 16 -20.95 37.36 -19.73
CA ASN H 16 -19.92 38.13 -19.04
C ASN H 16 -20.30 38.48 -17.60
N LEU H 17 -20.99 37.55 -16.94
CA LEU H 17 -21.47 37.78 -15.58
C LEU H 17 -20.64 37.08 -14.52
N ILE H 18 -19.41 36.68 -14.82
CA ILE H 18 -18.66 35.88 -13.85
C ILE H 18 -18.43 36.71 -12.58
N GLY H 19 -17.91 37.94 -12.75
CA GLY H 19 -17.60 38.79 -11.61
C GLY H 19 -18.81 39.09 -10.77
N GLU H 20 -19.89 39.48 -11.46
CA GLU H 20 -21.16 39.78 -10.84
C GLU H 20 -21.60 38.64 -9.93
N VAL H 21 -21.63 37.42 -10.47
CA VAL H 21 -22.08 36.26 -9.71
C VAL H 21 -21.12 35.97 -8.54
N ILE H 22 -19.82 35.99 -8.81
CA ILE H 22 -18.84 35.77 -7.74
C ILE H 22 -19.06 36.77 -6.60
N SER H 23 -19.24 38.04 -6.94
CA SER H 23 -19.48 39.08 -5.92
C SER H 23 -20.63 38.73 -4.98
N ARG H 24 -21.72 38.23 -5.55
CA ARG H 24 -22.90 37.92 -4.75
C ARG H 24 -22.62 36.79 -3.75
N ILE H 25 -21.78 35.83 -4.14
CA ILE H 25 -21.33 34.76 -3.26
C ILE H 25 -20.42 35.32 -2.17
N GLU H 26 -19.39 36.07 -2.57
CA GLU H 26 -18.47 36.69 -1.62
C GLU H 26 -19.18 37.53 -0.56
N ARG H 27 -19.99 38.49 -1.00
CA ARG H 27 -20.57 39.46 -0.08
C ARG H 27 -21.52 38.80 0.93
N LYS H 28 -21.91 37.55 0.64
CA LYS H 28 -22.83 36.80 1.52
C LYS H 28 -22.07 36.26 2.72
N GLY H 29 -20.74 36.29 2.63
CA GLY H 29 -19.88 35.74 3.68
C GLY H 29 -19.35 34.32 3.42
N LEU H 30 -19.66 33.78 2.25
CA LEU H 30 -19.14 32.47 1.85
C LEU H 30 -17.71 32.63 1.36
N LYS H 31 -16.90 31.62 1.62
CA LYS H 31 -15.50 31.65 1.26
C LYS H 31 -15.20 30.80 0.02
N LEU H 32 -14.61 31.44 -0.99
CA LEU H 32 -14.16 30.76 -2.17
C LEU H 32 -12.90 29.97 -1.84
N VAL H 33 -13.01 28.65 -1.97
CA VAL H 33 -12.00 27.74 -1.46
C VAL H 33 -11.41 26.89 -2.60
N GLY H 34 -12.19 26.72 -3.66
CA GLY H 34 -11.71 26.16 -4.91
C GLY H 34 -12.43 26.84 -6.05
N GLY H 35 -11.74 27.03 -7.17
CA GLY H 35 -12.35 27.69 -8.33
C GLY H 35 -11.50 27.59 -9.57
N LYS H 36 -12.08 27.07 -10.64
CA LYS H 36 -11.39 26.99 -11.92
C LYS H 36 -12.34 27.21 -13.11
N LEU H 37 -11.90 28.01 -14.07
CA LEU H 37 -12.54 28.12 -15.36
C LEU H 37 -12.07 26.90 -16.17
N MET H 38 -13.03 26.16 -16.71
CA MET H 38 -12.75 24.90 -17.41
C MET H 38 -13.83 24.56 -18.43
N GLN H 39 -13.39 23.93 -19.52
CA GLN H 39 -14.32 23.36 -20.48
C GLN H 39 -14.79 22.03 -19.92
N VAL H 40 -16.08 21.75 -19.98
CA VAL H 40 -16.62 20.53 -19.40
C VAL H 40 -16.58 19.39 -20.43
N PRO H 41 -15.79 18.33 -20.15
CA PRO H 41 -15.81 17.17 -21.04
C PRO H 41 -17.12 16.41 -20.93
N MET H 42 -17.56 15.82 -22.04
CA MET H 42 -18.79 15.02 -22.12
C MET H 42 -18.96 14.02 -20.97
N GLU H 43 -17.92 13.22 -20.70
CA GLU H 43 -17.97 12.22 -19.61
C GLU H 43 -18.32 12.86 -18.26
N LEU H 44 -17.71 14.01 -17.95
CA LEU H 44 -18.02 14.75 -16.71
C LEU H 44 -19.42 15.35 -16.70
N ALA H 45 -19.85 15.90 -17.84
CA ALA H 45 -21.20 16.43 -17.97
C ALA H 45 -22.22 15.35 -17.66
N GLU H 46 -22.05 14.18 -18.28
CA GLU H 46 -23.03 13.10 -18.18
C GLU H 46 -23.07 12.41 -16.82
N THR H 47 -21.94 12.31 -16.14
CA THR H 47 -21.97 11.70 -14.80
C THR H 47 -22.51 12.70 -13.76
N HIS H 48 -22.33 14.00 -14.02
CA HIS H 48 -22.83 15.07 -13.14
C HIS H 48 -24.34 15.20 -13.20
N TYR H 49 -24.88 15.03 -14.40
CA TYR H 49 -26.31 15.11 -14.64
C TYR H 49 -26.95 13.73 -14.89
N GLY H 50 -26.29 12.67 -14.43
CA GLY H 50 -26.76 11.29 -14.64
C GLY H 50 -28.16 10.99 -14.13
N GLU H 51 -28.55 11.69 -13.06
CA GLU H 51 -29.86 11.51 -12.44
C GLU H 51 -31.02 12.00 -13.34
N HIS H 52 -30.68 12.57 -14.50
CA HIS H 52 -31.68 13.12 -15.41
C HIS H 52 -31.75 12.37 -16.75
N GLN H 53 -31.01 11.28 -16.87
CA GLN H 53 -30.80 10.56 -18.13
C GLN H 53 -32.04 10.33 -19.01
N GLY H 54 -33.19 10.13 -18.39
CA GLY H 54 -34.42 9.87 -19.14
C GLY H 54 -35.16 11.13 -19.60
N LYS H 55 -35.17 12.16 -18.74
CA LYS H 55 -36.07 13.30 -18.86
C LYS H 55 -35.83 14.20 -20.08
N PRO H 56 -36.93 14.74 -20.67
CA PRO H 56 -36.98 15.52 -21.91
C PRO H 56 -35.79 16.46 -22.15
N PHE H 57 -35.43 17.24 -21.15
CA PHE H 57 -34.37 18.25 -21.30
C PHE H 57 -32.95 17.70 -21.25
N TYR H 58 -32.77 16.41 -21.00
CA TYR H 58 -31.43 15.86 -20.79
C TYR H 58 -30.43 16.19 -21.90
N ASN H 59 -30.76 15.80 -23.15
CA ASN H 59 -29.87 16.04 -24.29
C ASN H 59 -29.51 17.51 -24.46
N ASP H 60 -30.50 18.37 -24.27
CA ASP H 60 -30.30 19.81 -24.31
C ASP H 60 -29.44 20.34 -23.17
N LEU H 61 -29.53 19.73 -22.00
CA LEU H 61 -28.71 20.05 -20.85
C LEU H 61 -27.24 19.74 -21.09
N ILE H 62 -26.95 18.54 -21.58
CA ILE H 62 -25.58 18.11 -21.88
C ILE H 62 -24.97 19.03 -22.93
N SER H 63 -25.74 19.29 -23.99
CA SER H 63 -25.33 20.19 -25.06
C SER H 63 -24.95 21.56 -24.53
N PHE H 64 -25.81 22.08 -23.65
CA PHE H 64 -25.62 23.40 -23.08
C PHE H 64 -24.38 23.47 -22.18
N ILE H 65 -24.25 22.55 -21.25
CA ILE H 65 -23.15 22.59 -20.28
C ILE H 65 -21.79 22.37 -20.92
N THR H 66 -21.77 21.78 -22.11
CA THR H 66 -20.52 21.54 -22.85
C THR H 66 -20.23 22.60 -23.92
N SER H 67 -21.17 23.52 -24.12
CA SER H 67 -21.11 24.45 -25.23
C SER H 67 -20.10 25.60 -25.06
N ALA H 68 -19.64 25.80 -23.83
CA ALA H 68 -18.68 26.86 -23.49
C ALA H 68 -18.18 26.65 -22.04
N PRO H 69 -17.05 27.30 -21.65
CA PRO H 69 -16.48 27.02 -20.34
C PRO H 69 -17.41 27.32 -19.17
N VAL H 70 -17.15 26.70 -18.03
CA VAL H 70 -17.90 27.02 -16.82
C VAL H 70 -16.91 27.54 -15.80
N PHE H 71 -17.41 28.09 -14.71
CA PHE H 71 -16.54 28.37 -13.57
C PHE H 71 -17.00 27.54 -12.38
N ALA H 72 -16.26 26.45 -12.13
CA ALA H 72 -16.57 25.53 -11.05
C ALA H 72 -15.91 26.01 -9.76
N MET H 73 -16.70 25.97 -8.69
CA MET H 73 -16.32 26.53 -7.41
C MET H 73 -16.58 25.57 -6.25
N VAL H 74 -15.67 25.56 -5.28
CA VAL H 74 -15.95 25.03 -3.94
C VAL H 74 -16.02 26.17 -2.93
N VAL H 75 -17.16 26.23 -2.24
CA VAL H 75 -17.49 27.35 -1.40
C VAL H 75 -17.63 26.83 0.02
N GLU H 76 -17.06 27.58 0.97
CA GLU H 76 -16.94 27.13 2.34
C GLU H 76 -17.67 28.09 3.26
N GLY H 77 -18.45 27.55 4.20
CA GLY H 77 -19.12 28.37 5.20
C GLY H 77 -20.13 27.59 6.01
N GLU H 78 -20.53 28.15 7.15
CA GLU H 78 -21.57 27.56 7.98
C GLU H 78 -22.88 27.45 7.18
N ASP H 79 -23.42 26.24 7.12
CA ASP H 79 -24.65 25.97 6.38
C ASP H 79 -24.51 26.33 4.90
N ALA H 80 -23.26 26.35 4.40
CA ALA H 80 -22.95 26.72 3.01
C ALA H 80 -23.90 26.16 1.94
N VAL H 81 -24.28 24.89 2.03
CA VAL H 81 -25.19 24.25 1.07
C VAL H 81 -26.52 24.99 0.95
N ASN H 82 -27.20 25.18 2.08
CA ASN H 82 -28.47 25.90 2.10
C ASN H 82 -28.36 27.41 1.88
N VAL H 83 -27.30 28.01 2.43
CA VAL H 83 -27.01 29.44 2.23
C VAL H 83 -26.88 29.75 0.74
N SER H 84 -26.07 28.93 0.06
CA SER H 84 -25.86 29.08 -1.37
C SER H 84 -27.16 28.94 -2.12
N ARG H 85 -27.92 27.90 -1.79
CA ARG H 85 -29.19 27.67 -2.49
C ARG H 85 -30.19 28.79 -2.25
N HIS H 86 -30.06 29.41 -1.07
CA HIS H 86 -30.90 30.54 -0.70
C HIS H 86 -30.64 31.75 -1.62
N ILE H 87 -29.36 32.13 -1.79
CA ILE H 87 -29.03 33.33 -2.60
C ILE H 87 -29.09 33.03 -4.10
N ILE H 88 -29.01 31.75 -4.45
CA ILE H 88 -29.14 31.33 -5.85
C ILE H 88 -30.59 31.45 -6.33
N GLY H 89 -31.54 30.99 -5.52
CA GLY H 89 -32.96 31.11 -5.84
C GLY H 89 -33.53 29.86 -6.46
N SER H 90 -34.86 29.77 -6.49
CA SER H 90 -35.58 28.65 -7.15
C SER H 90 -35.03 28.30 -8.51
N THR H 91 -35.26 27.08 -8.93
CA THR H 91 -34.74 26.58 -10.20
C THR H 91 -35.19 27.43 -11.39
N ASN H 92 -36.49 27.72 -11.44
CA ASN H 92 -37.07 28.60 -12.46
C ASN H 92 -36.89 30.05 -12.05
N PRO H 93 -36.11 30.83 -12.84
CA PRO H 93 -35.79 32.22 -12.52
C PRO H 93 -37.00 33.14 -12.30
N SER H 94 -38.17 32.73 -12.76
CA SER H 94 -39.37 33.56 -12.60
C SER H 94 -40.13 33.23 -11.32
N GLU H 95 -39.70 32.16 -10.63
CA GLU H 95 -40.17 31.84 -9.28
C GLU H 95 -39.12 32.20 -8.25
N ALA H 96 -37.88 32.38 -8.70
CA ALA H 96 -36.78 32.76 -7.82
C ALA H 96 -37.02 34.17 -7.28
N SER H 97 -36.66 34.42 -6.04
CA SER H 97 -36.99 35.68 -5.44
C SER H 97 -36.18 36.80 -6.11
N PRO H 98 -36.80 37.95 -6.38
CA PRO H 98 -35.96 39.06 -6.80
C PRO H 98 -34.85 39.20 -5.78
N GLY H 99 -33.67 39.63 -6.23
CA GLY H 99 -32.50 39.74 -5.36
C GLY H 99 -31.61 38.49 -5.35
N SER H 100 -32.21 37.34 -5.61
CA SER H 100 -31.42 36.11 -5.85
C SER H 100 -30.71 36.17 -7.18
N ILE H 101 -29.67 35.38 -7.32
CA ILE H 101 -28.92 35.35 -8.57
C ILE H 101 -29.81 34.95 -9.76
N ARG H 102 -30.62 33.90 -9.59
CA ARG H 102 -31.50 33.49 -10.67
C ARG H 102 -32.63 34.49 -10.83
N GLY H 103 -33.14 34.98 -9.69
CA GLY H 103 -34.17 36.02 -9.70
C GLY H 103 -33.83 37.28 -10.48
N ASP H 104 -32.59 37.74 -10.35
CA ASP H 104 -32.13 38.96 -11.02
C ASP H 104 -31.58 38.76 -12.42
N LEU H 105 -30.93 37.62 -12.66
CA LEU H 105 -30.10 37.41 -13.86
C LEU H 105 -30.57 36.36 -14.85
N GLY H 106 -31.37 35.39 -14.41
CA GLY H 106 -31.79 34.29 -15.28
C GLY H 106 -33.13 34.60 -15.92
N LEU H 107 -33.34 34.16 -17.17
CA LEU H 107 -34.64 34.30 -17.84
C LEU H 107 -35.47 33.00 -17.90
N THR H 108 -34.81 31.88 -18.14
CA THR H 108 -35.54 30.63 -18.34
C THR H 108 -34.89 29.52 -17.54
N VAL H 109 -35.67 28.51 -17.17
CA VAL H 109 -35.22 27.43 -16.30
C VAL H 109 -34.01 26.70 -16.88
N GLY H 110 -33.96 26.60 -18.20
CA GLY H 110 -32.87 25.94 -18.92
C GLY H 110 -31.56 26.71 -18.92
N ARG H 111 -31.65 28.05 -18.95
CA ARG H 111 -30.49 28.94 -18.88
C ARG H 111 -30.56 29.80 -17.64
N ASN H 112 -30.19 29.22 -16.51
CA ASN H 112 -30.40 29.89 -15.23
C ASN H 112 -29.12 30.18 -14.42
N ILE H 113 -28.05 30.49 -15.13
CA ILE H 113 -26.88 31.15 -14.53
C ILE H 113 -25.94 30.29 -13.67
N ILE H 114 -26.47 29.59 -12.68
CA ILE H 114 -25.62 28.96 -11.67
C ILE H 114 -26.15 27.62 -11.13
N HIS H 115 -25.24 26.74 -10.75
CA HIS H 115 -25.60 25.50 -10.07
C HIS H 115 -25.08 25.49 -8.65
N GLY H 116 -25.89 24.99 -7.73
CA GLY H 116 -25.45 24.71 -6.38
C GLY H 116 -25.92 23.33 -5.97
N SER H 117 -25.09 22.60 -5.22
CA SER H 117 -25.47 21.29 -4.69
C SER H 117 -26.77 21.41 -3.91
N ASP H 118 -27.65 20.41 -4.06
CA ASP H 118 -28.97 20.52 -3.42
C ASP H 118 -29.05 19.88 -2.05
N SER H 119 -28.00 19.14 -1.67
CA SER H 119 -27.94 18.52 -0.36
C SER H 119 -26.50 18.35 0.10
N LEU H 120 -26.31 18.06 1.39
CA LEU H 120 -25.02 17.67 1.94
C LEU H 120 -24.40 16.48 1.22
N GLU H 121 -25.20 15.46 0.88
CA GLU H 121 -24.62 14.34 0.16
C GLU H 121 -24.25 14.61 -1.30
N SER H 122 -25.07 15.34 -2.06
CA SER H 122 -24.68 15.70 -3.45
C SER H 122 -23.54 16.75 -3.50
N ALA H 123 -23.38 17.51 -2.41
CA ALA H 123 -22.21 18.38 -2.22
C ALA H 123 -20.89 17.61 -2.29
N GLU H 124 -20.72 16.63 -1.39
CA GLU H 124 -19.54 15.77 -1.33
C GLU H 124 -19.33 15.04 -2.66
N ARG H 125 -20.42 14.58 -3.23
CA ARG H 125 -20.37 13.89 -4.50
C ARG H 125 -19.82 14.78 -5.60
N GLU H 126 -20.43 15.94 -5.77
CA GLU H 126 -20.06 16.88 -6.83
C GLU H 126 -18.66 17.44 -6.64
N ILE H 127 -18.31 17.79 -5.39
CA ILE H 127 -16.97 18.27 -5.07
C ILE H 127 -15.89 17.25 -5.49
N ASN H 128 -16.08 15.97 -5.14
CA ASN H 128 -15.11 14.92 -5.51
C ASN H 128 -15.02 14.77 -7.02
N LEU H 129 -16.16 14.90 -7.68
CA LEU H 129 -16.26 14.73 -9.11
C LEU H 129 -15.50 15.81 -9.88
N TRP H 130 -15.64 17.07 -9.45
CA TRP H 130 -15.07 18.21 -10.17
C TRP H 130 -13.68 18.67 -9.67
N PHE H 131 -13.36 18.34 -8.42
CA PHE H 131 -12.13 18.79 -7.80
C PHE H 131 -11.32 17.66 -7.18
N ASN H 132 -9.99 17.80 -7.19
CA ASN H 132 -9.14 17.15 -6.22
C ASN H 132 -8.64 18.10 -5.14
N GLU H 133 -8.35 17.54 -3.98
CA GLU H 133 -8.27 18.25 -2.74
C GLU H 133 -7.08 19.17 -2.75
N ASN H 134 -6.20 18.87 -3.67
CA ASN H 134 -5.02 19.67 -3.97
C ASN H 134 -5.34 20.87 -4.85
N GLU H 135 -6.55 20.89 -5.41
CA GLU H 135 -7.09 22.08 -6.04
C GLU H 135 -7.95 22.88 -5.08
N ILE H 136 -8.20 22.34 -3.90
CA ILE H 136 -9.01 23.00 -2.89
C ILE H 136 -8.07 23.53 -1.84
N THR H 137 -8.09 24.84 -1.67
CA THR H 137 -7.24 25.48 -0.70
C THR H 137 -7.97 25.55 0.63
N SER H 138 -7.25 25.95 1.67
CA SER H 138 -7.78 25.96 3.02
C SER H 138 -7.14 27.14 3.71
N TYR H 139 -7.92 28.15 4.05
CA TYR H 139 -7.32 29.35 4.63
C TYR H 139 -8.24 30.07 5.60
N ALA H 140 -7.61 30.72 6.58
CA ALA H 140 -8.32 31.61 7.48
C ALA H 140 -8.46 32.96 6.79
N SER H 141 -9.61 33.60 6.95
CA SER H 141 -9.85 34.93 6.43
C SER H 141 -10.08 35.89 7.58
N PRO H 142 -9.68 37.16 7.41
CA PRO H 142 -9.88 38.22 8.41
C PRO H 142 -11.33 38.39 8.88
N ARG H 143 -12.29 38.22 7.98
CA ARG H 143 -13.70 38.38 8.34
C ARG H 143 -14.31 37.17 9.08
N ASP H 144 -13.62 36.03 9.08
CA ASP H 144 -14.13 34.81 9.73
C ASP H 144 -14.60 35.05 11.16
N ALA H 145 -13.87 35.89 11.90
CA ALA H 145 -14.19 36.20 13.30
C ALA H 145 -15.40 37.12 13.45
N TRP H 146 -15.90 37.60 12.32
CA TRP H 146 -17.02 38.55 12.33
C TRP H 146 -18.25 37.98 11.63
N LEU H 147 -18.11 36.81 11.01
CA LEU H 147 -19.23 36.08 10.45
C LEU H 147 -19.81 35.10 11.45
N TYR H 148 -18.99 34.70 12.43
CA TYR H 148 -19.31 33.59 13.36
C TYR H 148 -19.04 33.93 14.83
N GLU H 149 -19.86 33.35 15.71
CA GLU H 149 -19.72 33.52 17.16
C GLU H 149 -18.77 32.49 17.75
#